data_3ZYZ
#
_entry.id   3ZYZ
#
_cell.length_a   55.065
_cell.length_b   82.286
_cell.length_c   136.811
_cell.angle_alpha   90.00
_cell.angle_beta   90.00
_cell.angle_gamma   90.00
#
_symmetry.space_group_name_H-M   'P 21 21 21'
#
loop_
_entity.id
_entity.type
_entity.pdbx_description
1 polymer 'BETA-D-GLUCOSIDE GLUCOHYDROLASE'
2 non-polymer 2-acetamido-2-deoxy-beta-D-glucopyranose
3 non-polymer beta-D-glucopyranose
4 non-polymer GLYCEROL
5 non-polymer DI(HYDROXYETHYL)ETHER
6 water water
#
_entity_poly.entity_id   1
_entity_poly.type   'polypeptide(L)'
_entity_poly.pdbx_seq_one_letter_code
;VVPPAGTPWGTAYDKAKAALAKLNLQDKVGIVSGVGWNGGPCVGNTSPASKISYPSLCLQDGPLGVRYSTGSTAFTPGVQ
AASTWDVNLIRERGQFIGEEVKASGIHVILGPVAGPLGKTPQGGRNWEGFGVDPYLTGIAMGQTINGIQSVGVQATAKHY
ILNEQELNRETISSNPDDRTLHELYTWPFADAVQANVASVMCSYNKVNTTWACEDQYTLQTVLKDQLGFPGYVMTDWNAQ
HTTVQSANSGLDMSMPGTDFNGNNRLWGPALTNAVNSNQVPTSRVDDMVTRILAAWYLTGQDQAGYPSFNISRNVQGNHK
TNVRAIARDGIVLLKNDANILPLKKPASIAVVGSAAIIGNHARNSPSCNDKGCDDGALGMGWGSGAVNYPYFVAPYDAIN
TRASSQGTQVTLSNTDNTSSGASAARGKDVAIVFITADSGEGYITVEGNAGDRNNLDPWHNGNALVQAVAGANSNVIVVV
HSVGAIILEQILALPQVKAVVWAGLPSQESGNALVDVLWGDVSPSGKLVYTIAKSPNDYNTRIVSGGSDSFSEGLFIDYK
HFDDANITPRYEFGYGLSYTKFNYSRLSVLSTAKSGPATGAVVPGGPSDLFQNVATVTVDIANSGQVTGAEVAQLYITYP
SSAPRTPPKQLRGFAKLNLTPGQSGTATFNIRRRDLSYWDTASQKWVVPSGSFGISVGASSRDIRLTSTLSVA
;
_entity_poly.pdbx_strand_id   A
#
# COMPACT_ATOMS: atom_id res chain seq x y z
N VAL A 1 16.04 2.59 22.92
CA VAL A 1 15.29 2.12 24.13
C VAL A 1 14.12 3.05 24.49
N VAL A 2 14.38 4.33 24.73
CA VAL A 2 13.33 5.28 25.14
C VAL A 2 13.30 6.56 24.27
N PRO A 3 12.09 7.04 23.91
CA PRO A 3 12.01 8.25 23.08
C PRO A 3 12.57 9.46 23.81
N PRO A 4 13.26 10.37 23.09
CA PRO A 4 13.88 11.50 23.77
C PRO A 4 12.87 12.54 24.28
N ALA A 5 13.26 13.27 25.32
CA ALA A 5 12.43 14.34 25.90
C ALA A 5 12.11 15.44 24.87
N GLY A 6 11.00 16.13 25.07
CA GLY A 6 10.59 17.23 24.18
C GLY A 6 10.29 16.84 22.75
N THR A 7 9.86 15.59 22.55
CA THR A 7 9.39 15.14 21.25
C THR A 7 8.01 14.56 21.50
N PRO A 8 7.18 14.47 20.45
CA PRO A 8 5.82 13.97 20.68
C PRO A 8 5.76 12.67 21.51
N TRP A 9 6.57 11.67 21.15
CA TRP A 9 6.56 10.38 21.85
C TRP A 9 7.08 10.51 23.27
N GLY A 10 8.08 11.37 23.46
CA GLY A 10 8.67 11.61 24.78
C GLY A 10 7.65 12.10 25.80
N THR A 11 6.80 13.03 25.37
CA THR A 11 5.76 13.60 26.21
C THR A 11 4.67 12.55 26.47
N ALA A 12 4.38 11.75 25.45
CA ALA A 12 3.40 10.67 25.54
C ALA A 12 3.83 9.64 26.58
N TYR A 13 5.12 9.33 26.59
CA TYR A 13 5.72 8.41 27.58
C TYR A 13 5.61 8.90 29.03
N ASP A 14 5.97 10.15 29.28
CA ASP A 14 5.78 10.78 30.60
C ASP A 14 4.34 10.63 31.05
N LYS A 15 3.41 11.02 30.17
CA LYS A 15 1.99 10.84 30.42
C LYS A 15 1.63 9.39 30.69
N ALA A 16 2.14 8.49 29.84
CA ALA A 16 1.87 7.06 29.94
C ALA A 16 2.42 6.49 31.25
N LYS A 17 3.59 6.95 31.66
CA LYS A 17 4.18 6.47 32.90
C LYS A 17 3.37 6.90 34.13
N ALA A 18 2.87 8.14 34.10
CA ALA A 18 2.00 8.62 35.19
C ALA A 18 0.71 7.82 35.27
N ALA A 19 0.11 7.49 34.13
CA ALA A 19 -1.10 6.66 34.12
C ALA A 19 -0.85 5.26 34.69
N LEU A 20 0.22 4.61 34.21
CA LEU A 20 0.59 3.26 34.63
C LEU A 20 0.70 3.11 36.16
N ALA A 21 1.15 4.17 36.82
CA ALA A 21 1.35 4.17 38.27
C ALA A 21 0.04 4.04 39.05
N LYS A 22 -1.09 4.40 38.41
CA LYS A 22 -2.40 4.32 39.05
CA LYS A 22 -2.42 4.34 39.02
C LYS A 22 -3.08 2.97 38.83
N LEU A 23 -2.42 2.08 38.09
CA LEU A 23 -3.06 0.83 37.69
C LEU A 23 -2.58 -0.38 38.46
N ASN A 24 -3.46 -1.37 38.61
CA ASN A 24 -3.08 -2.67 39.13
C ASN A 24 -2.98 -3.70 37.99
N LEU A 25 -2.73 -4.96 38.34
CA LEU A 25 -2.50 -6.00 37.34
C LEU A 25 -3.72 -6.23 36.44
N GLN A 26 -4.91 -6.32 37.05
CA GLN A 26 -6.14 -6.52 36.26
C GLN A 26 -6.36 -5.40 35.27
N ASP A 27 -6.23 -4.16 35.74
CA ASP A 27 -6.23 -3.00 34.85
C ASP A 27 -5.33 -3.24 33.64
N LYS A 28 -4.10 -3.68 33.92
CA LYS A 28 -3.07 -3.83 32.88
C LYS A 28 -3.37 -4.93 31.89
N VAL A 29 -3.83 -6.08 32.41
CA VAL A 29 -4.22 -7.24 31.61
C VAL A 29 -5.41 -6.92 30.69
N GLY A 30 -6.31 -6.05 31.15
CA GLY A 30 -7.45 -5.61 30.34
C GLY A 30 -7.05 -4.68 29.21
N ILE A 31 -5.95 -3.94 29.39
CA ILE A 31 -5.47 -3.03 28.36
C ILE A 31 -4.78 -3.80 27.20
N VAL A 32 -4.01 -4.84 27.54
CA VAL A 32 -3.30 -5.62 26.52
C VAL A 32 -4.08 -6.79 25.89
N SER A 33 -5.21 -7.16 26.47
CA SER A 33 -5.93 -8.38 26.06
C SER A 33 -7.26 -8.01 25.39
N GLY A 34 -7.41 -8.40 24.12
CA GLY A 34 -8.69 -8.26 23.41
C GLY A 34 -9.81 -9.03 24.07
N VAL A 35 -11.03 -8.50 24.01
CA VAL A 35 -12.18 -9.10 24.71
C VAL A 35 -12.64 -10.42 24.10
N GLY A 36 -12.27 -10.67 22.84
CA GLY A 36 -12.62 -11.89 22.13
C GLY A 36 -13.05 -11.58 20.72
N TRP A 37 -12.91 -12.55 19.81
CA TRP A 37 -13.38 -12.40 18.42
C TRP A 37 -14.85 -11.99 18.44
N ASN A 38 -15.15 -10.85 17.83
CA ASN A 38 -16.51 -10.26 17.89
C ASN A 38 -17.07 -10.15 19.32
N GLY A 39 -16.17 -9.91 20.27
CA GLY A 39 -16.56 -9.78 21.68
C GLY A 39 -17.05 -8.38 22.00
N GLY A 40 -16.68 -7.41 21.19
CA GLY A 40 -17.11 -6.02 21.36
C GLY A 40 -17.73 -5.52 20.07
N PRO A 41 -18.08 -4.22 20.01
CA PRO A 41 -18.74 -3.71 18.80
C PRO A 41 -17.77 -3.46 17.62
N CYS A 42 -16.48 -3.36 17.92
CA CYS A 42 -15.49 -3.06 16.88
C CYS A 42 -14.83 -4.34 16.40
N VAL A 43 -13.95 -4.24 15.41
CA VAL A 43 -13.20 -5.39 14.95
C VAL A 43 -12.28 -5.88 16.08
N GLY A 44 -11.61 -4.94 16.75
CA GLY A 44 -10.89 -5.24 17.99
C GLY A 44 -11.41 -4.37 19.12
N ASN A 45 -11.44 -4.93 20.34
CA ASN A 45 -11.74 -4.19 21.57
C ASN A 45 -10.90 -4.72 22.75
N THR A 46 -10.60 -3.85 23.69
CA THR A 46 -9.93 -4.22 24.94
C THR A 46 -10.83 -3.76 26.09
N SER A 47 -10.43 -4.02 27.35
CA SER A 47 -11.25 -3.65 28.51
C SER A 47 -10.89 -2.26 29.01
N PRO A 48 -11.91 -1.43 29.34
CA PRO A 48 -11.60 -0.08 29.84
C PRO A 48 -10.89 -0.07 31.20
N ALA A 49 -10.08 0.96 31.42
CA ALA A 49 -9.51 1.26 32.73
C ALA A 49 -10.03 2.63 33.19
N SER A 50 -11.14 2.61 33.96
CA SER A 50 -11.79 3.83 34.43
C SER A 50 -10.88 4.74 35.26
N LYS A 51 -9.98 4.13 36.02
CA LYS A 51 -9.04 4.85 36.90
C LYS A 51 -8.21 5.94 36.21
N ILE A 52 -8.02 5.78 34.90
CA ILE A 52 -7.26 6.75 34.10
C ILE A 52 -8.07 7.22 32.89
N SER A 53 -9.39 7.03 32.98
CA SER A 53 -10.35 7.36 31.93
C SER A 53 -10.03 6.73 30.57
N TYR A 54 -9.45 5.53 30.62
CA TYR A 54 -9.10 4.82 29.41
C TYR A 54 -10.31 4.02 28.93
N PRO A 55 -10.77 4.29 27.70
CA PRO A 55 -11.95 3.61 27.17
C PRO A 55 -11.57 2.21 26.72
N SER A 56 -12.59 1.38 26.49
CA SER A 56 -12.41 0.19 25.70
C SER A 56 -11.84 0.65 24.36
N LEU A 57 -10.58 0.32 24.09
CA LEU A 57 -9.97 0.73 22.83
C LEU A 57 -10.74 0.11 21.67
N CYS A 58 -11.14 0.94 20.72
CA CYS A 58 -11.92 0.45 19.59
C CYS A 58 -11.06 0.39 18.33
N LEU A 59 -10.86 -0.83 17.84
CA LEU A 59 -9.99 -1.08 16.69
C LEU A 59 -10.83 -1.54 15.51
N GLN A 60 -10.65 -0.89 14.36
CA GLN A 60 -11.45 -1.20 13.16
C GLN A 60 -10.59 -1.29 11.90
N ASP A 61 -10.97 -2.18 10.98
CA ASP A 61 -10.40 -2.15 9.62
C ASP A 61 -10.93 -0.91 8.87
N GLY A 62 -10.25 -0.48 7.81
CA GLY A 62 -8.95 -0.99 7.41
C GLY A 62 -8.20 0.08 6.62
N PRO A 63 -7.26 -0.34 5.75
CA PRO A 63 -6.36 0.56 5.02
C PRO A 63 -7.02 1.53 4.04
N LEU A 64 -8.27 1.28 3.64
CA LEU A 64 -8.92 2.18 2.66
C LEU A 64 -10.23 2.79 3.16
N GLY A 65 -10.45 2.74 4.46
CA GLY A 65 -11.66 3.27 5.06
C GLY A 65 -12.28 2.42 6.15
N VAL A 66 -13.42 2.90 6.66
CA VAL A 66 -14.08 2.31 7.81
C VAL A 66 -14.89 1.08 7.39
N ARG A 67 -14.48 -0.09 7.88
CA ARG A 67 -15.20 -1.35 7.62
C ARG A 67 -16.48 -1.46 8.39
N TYR A 68 -17.51 -2.01 7.72
CA TYR A 68 -18.84 -2.24 8.28
C TYR A 68 -19.71 -1.00 8.35
N SER A 69 -19.12 0.17 8.19
CA SER A 69 -19.88 1.42 8.21
C SER A 69 -20.81 1.54 7.01
N THR A 70 -21.96 2.17 7.22
CA THR A 70 -22.89 2.42 6.11
C THR A 70 -22.92 3.88 5.68
N GLY A 71 -22.08 4.71 6.32
CA GLY A 71 -22.01 6.13 6.01
C GLY A 71 -20.59 6.61 5.78
N SER A 72 -19.74 5.70 5.33
CA SER A 72 -18.32 5.96 5.12
C SER A 72 -17.98 5.96 3.64
N THR A 73 -16.92 6.70 3.31
CA THR A 73 -16.31 6.63 2.00
C THR A 73 -15.53 5.33 1.80
N ALA A 74 -15.59 4.80 0.59
CA ALA A 74 -14.65 3.77 0.13
C ALA A 74 -13.49 4.46 -0.60
N PHE A 75 -12.39 4.69 0.11
CA PHE A 75 -11.23 5.28 -0.53
C PHE A 75 -10.62 4.26 -1.50
N THR A 76 -9.81 4.75 -2.42
CA THR A 76 -9.09 3.87 -3.33
C THR A 76 -8.15 3.05 -2.48
N PRO A 77 -7.86 1.79 -2.91
CA PRO A 77 -6.78 1.03 -2.29
C PRO A 77 -5.45 1.77 -2.38
N GLY A 78 -4.51 1.40 -1.51
CA GLY A 78 -3.21 2.03 -1.44
C GLY A 78 -2.45 2.03 -2.73
N VAL A 79 -2.56 0.93 -3.49
CA VAL A 79 -1.80 0.78 -4.74
C VAL A 79 -2.17 1.88 -5.75
N GLN A 80 -3.43 2.30 -5.71
CA GLN A 80 -3.91 3.37 -6.60
C GLN A 80 -3.31 4.71 -6.18
N ALA A 81 -3.25 4.95 -4.87
CA ALA A 81 -2.65 6.16 -4.32
C ALA A 81 -1.16 6.23 -4.67
N ALA A 82 -0.45 5.14 -4.42
CA ALA A 82 0.93 5.03 -4.89
C ALA A 82 1.08 5.31 -6.39
N SER A 83 0.10 4.83 -7.18
CA SER A 83 0.14 4.97 -8.65
C SER A 83 0.01 6.41 -9.12
N THR A 84 -0.49 7.28 -8.25
CA THR A 84 -0.53 8.71 -8.54
C THR A 84 0.87 9.30 -8.44
N TRP A 85 1.74 8.63 -7.68
CA TRP A 85 3.08 9.18 -7.35
C TRP A 85 2.99 10.60 -6.77
N ASP A 86 1.90 10.88 -6.06
CA ASP A 86 1.57 12.23 -5.61
C ASP A 86 1.45 12.24 -4.08
N VAL A 87 2.46 12.80 -3.40
CA VAL A 87 2.51 12.81 -1.94
C VAL A 87 1.39 13.59 -1.29
N ASN A 88 0.90 14.61 -2.00
CA ASN A 88 -0.21 15.42 -1.51
C ASN A 88 -1.50 14.62 -1.45
N LEU A 89 -1.81 13.89 -2.51
CA LEU A 89 -3.04 13.07 -2.51
C LEU A 89 -2.94 11.92 -1.53
N ILE A 90 -1.73 11.39 -1.40
CA ILE A 90 -1.45 10.31 -0.47
C ILE A 90 -1.64 10.75 0.97
N ARG A 91 -1.07 11.90 1.33
CA ARG A 91 -1.29 12.47 2.66
C ARG A 91 -2.77 12.84 2.85
N GLU A 92 -3.36 13.47 1.83
CA GLU A 92 -4.77 13.84 1.93
C GLU A 92 -5.67 12.62 2.17
N ARG A 93 -5.32 11.50 1.54
CA ARG A 93 -6.09 10.28 1.67
C ARG A 93 -6.06 9.76 3.12
N GLY A 94 -4.88 9.77 3.73
CA GLY A 94 -4.74 9.39 5.13
C GLY A 94 -5.52 10.32 6.06
N GLN A 95 -5.41 11.62 5.82
CA GLN A 95 -6.17 12.61 6.57
C GLN A 95 -7.69 12.39 6.49
N PHE A 96 -8.20 12.19 5.29
CA PHE A 96 -9.64 11.99 5.08
C PHE A 96 -10.12 10.71 5.77
N ILE A 97 -9.38 9.63 5.60
CA ILE A 97 -9.63 8.36 6.31
C ILE A 97 -9.65 8.60 7.82
N GLY A 98 -8.68 9.35 8.31
CA GLY A 98 -8.56 9.68 9.73
C GLY A 98 -9.79 10.42 10.22
N GLU A 99 -10.19 11.46 9.48
CA GLU A 99 -11.43 12.19 9.79
C GLU A 99 -12.65 11.28 9.90
N GLU A 100 -12.77 10.30 9.00
CA GLU A 100 -13.91 9.39 9.00
C GLU A 100 -13.85 8.39 10.14
N VAL A 101 -12.64 7.98 10.49
CA VAL A 101 -12.42 7.01 11.56
C VAL A 101 -12.76 7.64 12.91
N LYS A 102 -12.25 8.84 13.17
CA LYS A 102 -12.57 9.57 14.40
CA LYS A 102 -12.58 9.56 14.40
C LYS A 102 -14.07 9.88 14.46
N ALA A 103 -14.63 10.38 13.35
CA ALA A 103 -16.06 10.73 13.28
C ALA A 103 -16.93 9.53 13.62
N SER A 104 -16.40 8.32 13.41
CA SER A 104 -17.16 7.09 13.68
C SER A 104 -16.88 6.59 15.10
N GLY A 105 -15.94 7.22 15.79
CA GLY A 105 -15.62 6.89 17.18
C GLY A 105 -14.69 5.70 17.36
N ILE A 106 -13.98 5.35 16.29
CA ILE A 106 -12.93 4.35 16.32
C ILE A 106 -11.60 5.04 16.69
N HIS A 107 -10.82 4.42 17.58
CA HIS A 107 -9.51 4.96 18.00
C HIS A 107 -8.36 4.47 17.11
N VAL A 108 -8.42 3.21 16.66
CA VAL A 108 -7.33 2.64 15.88
C VAL A 108 -7.80 2.13 14.52
N ILE A 109 -7.23 2.67 13.45
CA ILE A 109 -7.52 2.16 12.11
C ILE A 109 -6.43 1.16 11.74
N LEU A 110 -6.83 0.01 11.21
CA LEU A 110 -5.89 -1.09 10.98
C LEU A 110 -5.23 -1.01 9.61
N GLY A 111 -4.31 -0.08 9.47
CA GLY A 111 -3.67 0.25 8.20
C GLY A 111 -2.77 1.47 8.41
N PRO A 112 -1.92 1.79 7.44
CA PRO A 112 -1.78 1.25 6.09
C PRO A 112 -0.83 0.04 5.99
N VAL A 113 -0.71 -0.48 4.79
CA VAL A 113 0.00 -1.75 4.54
C VAL A 113 1.36 -1.54 3.92
N ALA A 114 2.41 -2.02 4.60
CA ALA A 114 3.80 -2.04 4.08
C ALA A 114 4.25 -3.47 3.88
N GLY A 115 3.41 -4.39 4.32
CA GLY A 115 3.64 -5.83 4.19
C GLY A 115 2.29 -6.53 4.04
N PRO A 116 2.09 -7.31 2.95
CA PRO A 116 3.11 -7.64 1.96
C PRO A 116 3.60 -6.39 1.23
N LEU A 117 4.90 -6.35 0.94
CA LEU A 117 5.45 -5.33 0.06
C LEU A 117 4.97 -5.60 -1.35
N GLY A 118 5.11 -6.86 -1.79
CA GLY A 118 4.50 -7.34 -3.02
C GLY A 118 5.45 -7.91 -4.07
N LYS A 119 6.36 -8.78 -3.64
CA LYS A 119 7.35 -9.38 -4.55
C LYS A 119 6.77 -10.25 -5.67
N THR A 120 5.60 -10.85 -5.45
CA THR A 120 4.99 -11.75 -6.41
C THR A 120 3.73 -11.11 -6.98
N PRO A 121 3.61 -11.03 -8.33
CA PRO A 121 2.43 -10.36 -8.91
C PRO A 121 1.12 -11.08 -8.57
N GLN A 122 1.16 -12.40 -8.39
CA GLN A 122 -0.03 -13.19 -7.99
C GLN A 122 -0.52 -12.93 -6.55
N GLY A 123 0.35 -12.32 -5.73
CA GLY A 123 0.07 -12.04 -4.31
C GLY A 123 -1.30 -11.39 -4.14
N GLY A 124 -2.13 -12.02 -3.31
CA GLY A 124 -3.54 -11.68 -3.27
C GLY A 124 -3.89 -10.37 -2.60
N ARG A 125 -2.99 -9.86 -1.75
CA ARG A 125 -3.26 -8.62 -0.98
C ARG A 125 -2.30 -7.49 -1.32
N ASN A 126 -1.45 -7.68 -2.33
CA ASN A 126 -0.49 -6.64 -2.73
C ASN A 126 -1.17 -5.31 -3.03
N TRP A 127 -2.40 -5.37 -3.52
CA TRP A 127 -3.18 -4.18 -3.88
C TRP A 127 -3.50 -3.28 -2.68
N GLU A 128 -3.49 -3.84 -1.47
CA GLU A 128 -3.75 -3.04 -0.24
C GLU A 128 -2.56 -2.13 0.09
N GLY A 129 -1.38 -2.52 -0.40
CA GLY A 129 -0.12 -1.80 -0.15
C GLY A 129 0.12 -0.67 -1.13
N PHE A 130 1.38 -0.41 -1.44
CA PHE A 130 1.74 0.81 -2.17
C PHE A 130 2.66 0.54 -3.37
N GLY A 131 2.70 -0.70 -3.82
CA GLY A 131 3.61 -1.11 -4.91
C GLY A 131 4.77 -1.92 -4.38
N VAL A 132 5.69 -2.26 -5.28
CA VAL A 132 6.77 -3.19 -4.98
C VAL A 132 8.05 -2.52 -4.48
N ASP A 133 8.09 -1.18 -4.52
CA ASP A 133 9.31 -0.48 -4.19
C ASP A 133 9.39 0.01 -2.73
N PRO A 134 10.44 -0.40 -2.01
CA PRO A 134 10.54 -0.08 -0.58
C PRO A 134 10.57 1.43 -0.33
N TYR A 135 11.26 2.16 -1.20
CA TYR A 135 11.36 3.62 -1.08
C TYR A 135 10.01 4.29 -1.26
N LEU A 136 9.33 4.00 -2.37
CA LEU A 136 8.02 4.62 -2.62
C LEU A 136 7.01 4.21 -1.55
N THR A 137 6.96 2.93 -1.24
CA THR A 137 6.06 2.40 -0.20
C THR A 137 6.37 3.07 1.15
N GLY A 138 7.66 3.21 1.46
CA GLY A 138 8.10 3.93 2.65
C GLY A 138 7.59 5.37 2.68
N ILE A 139 7.83 6.14 1.62
CA ILE A 139 7.31 7.51 1.52
C ILE A 139 5.79 7.54 1.70
N ALA A 140 5.09 6.70 0.94
CA ALA A 140 3.65 6.58 1.07
C ALA A 140 3.23 6.24 2.51
N MET A 141 3.87 5.23 3.10
CA MET A 141 3.58 4.88 4.50
C MET A 141 3.61 6.10 5.39
N GLY A 142 4.74 6.82 5.34
CA GLY A 142 4.95 8.02 6.15
C GLY A 142 3.93 9.13 5.93
N GLN A 143 3.60 9.38 4.66
CA GLN A 143 2.60 10.40 4.31
C GLN A 143 1.19 9.96 4.77
N THR A 144 0.85 8.70 4.59
CA THR A 144 -0.48 8.19 4.99
C THR A 144 -0.62 8.26 6.50
N ILE A 145 0.43 7.84 7.20
CA ILE A 145 0.42 7.85 8.66
C ILE A 145 0.37 9.26 9.23
N ASN A 146 1.17 10.17 8.67
N ASN A 146 1.15 10.19 8.68
CA ASN A 146 1.11 11.58 9.06
CA ASN A 146 1.08 11.57 9.15
C ASN A 146 -0.30 12.12 8.91
C ASN A 146 -0.26 12.26 8.85
N GLY A 147 -0.91 11.84 7.77
CA GLY A 147 -2.29 12.25 7.48
C GLY A 147 -3.28 11.64 8.47
N ILE A 148 -3.26 10.32 8.64
CA ILE A 148 -4.17 9.68 9.61
C ILE A 148 -4.03 10.27 11.02
N GLN A 149 -2.80 10.32 11.54
CA GLN A 149 -2.60 10.68 12.95
C GLN A 149 -2.74 12.16 13.26
N SER A 150 -2.67 13.00 12.23
CA SER A 150 -2.86 14.45 12.42
C SER A 150 -4.28 14.75 12.89
N VAL A 151 -5.20 13.85 12.58
CA VAL A 151 -6.59 13.93 13.01
C VAL A 151 -6.75 13.46 14.45
N GLY A 152 -5.78 12.72 14.97
CA GLY A 152 -5.85 12.23 16.34
C GLY A 152 -6.40 10.82 16.36
N VAL A 153 -6.01 10.06 15.34
CA VAL A 153 -6.40 8.67 15.22
C VAL A 153 -5.11 7.86 15.23
N GLN A 154 -5.16 6.68 15.85
CA GLN A 154 -4.01 5.77 15.87
C GLN A 154 -3.98 4.97 14.58
N ALA A 155 -2.81 4.92 13.95
CA ALA A 155 -2.62 4.09 12.75
C ALA A 155 -1.90 2.80 13.11
N THR A 156 -2.02 1.80 12.25
CA THR A 156 -1.41 0.50 12.48
C THR A 156 -0.68 0.04 11.22
N ALA A 157 0.64 0.12 11.24
CA ALA A 157 1.47 -0.41 10.17
C ALA A 157 1.38 -1.94 10.18
N LYS A 158 0.88 -2.51 9.09
CA LYS A 158 0.79 -3.97 8.94
C LYS A 158 1.28 -4.41 7.55
N HIS A 159 1.68 -5.66 7.32
CA HIS A 159 1.78 -6.71 8.34
C HIS A 159 3.23 -7.06 8.52
N TYR A 160 3.66 -7.09 9.78
CA TYR A 160 5.06 -7.23 10.12
C TYR A 160 5.37 -8.66 10.54
N ILE A 161 6.00 -9.46 9.67
CA ILE A 161 6.64 -9.02 8.42
C ILE A 161 6.85 -10.26 7.53
N LEU A 162 7.06 -10.04 6.24
CA LEU A 162 7.32 -11.11 5.24
C LEU A 162 6.11 -12.02 4.96
N ASN A 163 4.91 -11.44 5.09
CA ASN A 163 3.67 -12.08 4.66
C ASN A 163 3.44 -11.78 3.17
N GLU A 164 4.24 -12.40 2.31
CA GLU A 164 4.27 -12.06 0.87
C GLU A 164 3.36 -12.93 -0.01
N GLN A 165 2.56 -13.80 0.61
CA GLN A 165 1.59 -14.61 -0.09
C GLN A 165 0.47 -15.03 0.84
N GLU A 166 -0.71 -15.26 0.27
CA GLU A 166 -1.86 -15.64 1.07
C GLU A 166 -1.93 -17.12 1.36
N LEU A 167 -1.49 -17.94 0.40
CA LEU A 167 -1.48 -19.38 0.55
C LEU A 167 -0.64 -19.75 1.75
N ASN A 168 -1.22 -20.59 2.63
CA ASN A 168 -0.60 -21.04 3.88
C ASN A 168 0.05 -19.95 4.72
N ARG A 169 -0.50 -18.73 4.64
CA ARG A 169 0.05 -17.59 5.36
C ARG A 169 0.20 -17.85 6.87
N GLU A 170 -0.61 -18.74 7.43
CA GLU A 170 -0.58 -19.02 8.88
C GLU A 170 0.44 -20.08 9.30
N THR A 171 1.09 -20.71 8.32
CA THR A 171 2.03 -21.82 8.58
C THR A 171 3.39 -21.65 7.89
N ILE A 172 3.40 -21.07 6.69
CA ILE A 172 4.64 -20.88 5.92
C ILE A 172 5.69 -20.09 6.70
N SER A 173 6.95 -20.47 6.54
CA SER A 173 8.06 -19.70 7.11
C SER A 173 8.75 -18.93 5.99
N SER A 174 8.88 -17.62 6.18
CA SER A 174 9.65 -16.76 5.25
C SER A 174 11.07 -16.64 5.76
N ASN A 175 12.04 -17.13 4.98
CA ASN A 175 13.41 -17.31 5.48
C ASN A 175 14.54 -16.53 4.77
N PRO A 176 14.38 -15.22 4.54
CA PRO A 176 15.46 -14.53 3.79
C PRO A 176 16.71 -14.33 4.63
N ASP A 177 17.80 -13.91 3.98
CA ASP A 177 19.00 -13.50 4.70
C ASP A 177 18.72 -12.20 5.45
N ASP A 178 19.62 -11.87 6.38
CA ASP A 178 19.47 -10.70 7.23
C ASP A 178 19.44 -9.38 6.45
N ARG A 179 20.32 -9.24 5.47
CA ARG A 179 20.30 -8.01 4.67
C ARG A 179 18.94 -7.83 3.98
N THR A 180 18.45 -8.90 3.36
CA THR A 180 17.16 -8.83 2.67
C THR A 180 16.03 -8.41 3.61
N LEU A 181 16.00 -9.03 4.79
CA LEU A 181 15.00 -8.72 5.78
C LEU A 181 15.00 -7.23 6.11
N HIS A 182 16.19 -6.69 6.41
CA HIS A 182 16.32 -5.28 6.81
C HIS A 182 16.17 -4.31 5.64
N GLU A 183 16.89 -4.59 4.55
CA GLU A 183 17.09 -3.59 3.50
C GLU A 183 15.91 -3.42 2.55
N LEU A 184 15.12 -4.47 2.40
CA LEU A 184 14.00 -4.47 1.48
C LEU A 184 12.68 -4.43 2.24
N TYR A 185 12.40 -5.47 3.01
CA TYR A 185 11.10 -5.62 3.64
C TYR A 185 10.86 -4.73 4.86
N THR A 186 11.87 -4.56 5.72
CA THR A 186 11.72 -3.71 6.92
C THR A 186 11.76 -2.22 6.58
N TRP A 187 12.49 -1.89 5.51
CA TRP A 187 12.64 -0.49 5.07
C TRP A 187 11.35 0.36 5.25
N PRO A 188 10.19 -0.05 4.65
CA PRO A 188 8.99 0.79 4.74
C PRO A 188 8.36 0.85 6.14
N PHE A 189 8.57 -0.18 6.95
CA PHE A 189 8.13 -0.13 8.34
C PHE A 189 8.95 0.91 9.10
N ALA A 190 10.20 1.09 8.71
CA ALA A 190 11.01 2.17 9.30
C ALA A 190 10.48 3.58 8.98
N ASP A 191 10.03 3.81 7.76
CA ASP A 191 9.34 5.06 7.46
C ASP A 191 8.11 5.24 8.35
N ALA A 192 7.36 4.15 8.59
CA ALA A 192 6.15 4.21 9.41
C ALA A 192 6.46 4.61 10.84
N VAL A 193 7.45 3.94 11.43
CA VAL A 193 7.94 4.28 12.77
C VAL A 193 8.39 5.73 12.80
N GLN A 194 9.25 6.11 11.85
CA GLN A 194 9.75 7.49 11.81
C GLN A 194 8.59 8.48 11.66
N ALA A 195 7.47 8.02 11.09
CA ALA A 195 6.28 8.87 11.00
C ALA A 195 5.51 8.90 12.34
N ASN A 196 6.09 8.28 13.36
CA ASN A 196 5.47 8.15 14.68
C ASN A 196 4.20 7.30 14.68
N VAL A 197 4.17 6.25 13.86
CA VAL A 197 2.99 5.37 13.79
C VAL A 197 2.73 4.83 15.19
N ALA A 198 1.47 4.68 15.56
CA ALA A 198 1.11 4.38 16.95
C ALA A 198 1.25 2.91 17.24
N SER A 199 1.00 2.11 16.22
CA SER A 199 0.97 0.67 16.38
CA SER A 199 0.98 0.67 16.37
C SER A 199 1.51 -0.03 15.14
N VAL A 200 1.96 -1.27 15.34
CA VAL A 200 2.44 -2.14 14.29
C VAL A 200 1.72 -3.46 14.54
N MET A 201 1.27 -4.11 13.47
CA MET A 201 0.64 -5.42 13.60
C MET A 201 1.54 -6.56 13.10
N CYS A 202 1.85 -7.53 13.97
CA CYS A 202 2.70 -8.66 13.54
C CYS A 202 1.91 -9.67 12.75
N SER A 203 2.57 -10.32 11.78
CA SER A 203 1.87 -11.13 10.79
C SER A 203 1.56 -12.57 11.22
N TYR A 204 0.88 -13.27 10.31
CA TYR A 204 0.47 -14.67 10.45
C TYR A 204 1.59 -15.68 10.25
N ASN A 205 2.55 -15.36 9.39
CA ASN A 205 3.58 -16.30 8.96
C ASN A 205 4.69 -16.44 9.97
N LYS A 206 5.56 -17.42 9.72
CA LYS A 206 6.78 -17.58 10.46
C LYS A 206 7.91 -16.85 9.76
N VAL A 207 8.91 -16.45 10.53
CA VAL A 207 10.12 -15.83 10.02
C VAL A 207 11.27 -16.68 10.56
N ASN A 208 11.93 -17.42 9.66
CA ASN A 208 12.97 -18.40 10.02
C ASN A 208 12.47 -19.45 11.01
N THR A 209 11.30 -20.02 10.75
CA THR A 209 10.66 -21.04 11.62
C THR A 209 9.94 -20.51 12.88
N THR A 210 10.01 -19.20 13.13
CA THR A 210 9.37 -18.62 14.32
C THR A 210 8.19 -17.74 13.93
N TRP A 211 7.02 -18.01 14.48
CA TRP A 211 5.85 -17.21 14.16
C TRP A 211 6.14 -15.75 14.43
N ALA A 212 5.73 -14.89 13.49
CA ALA A 212 6.05 -13.47 13.52
C ALA A 212 5.61 -12.80 14.82
N CYS A 213 4.52 -13.27 15.40
CA CYS A 213 4.03 -12.66 16.64
C CYS A 213 4.75 -13.16 17.91
N GLU A 214 5.71 -14.06 17.70
CA GLU A 214 6.44 -14.73 18.79
C GLU A 214 7.95 -14.51 18.65
N ASP A 215 8.35 -13.58 17.78
CA ASP A 215 9.71 -13.50 17.28
C ASP A 215 10.49 -12.39 17.98
N GLN A 216 11.32 -12.76 18.95
CA GLN A 216 12.07 -11.79 19.72
CA GLN A 216 12.06 -11.77 19.72
C GLN A 216 12.99 -10.94 18.83
N TYR A 217 13.68 -11.58 17.89
CA TYR A 217 14.57 -10.83 16.99
C TYR A 217 13.85 -9.72 16.21
N THR A 218 12.74 -10.05 15.54
CA THR A 218 12.08 -9.03 14.70
C THR A 218 11.30 -8.02 15.53
N LEU A 219 10.63 -8.49 16.57
CA LEU A 219 9.80 -7.65 17.43
C LEU A 219 10.64 -6.76 18.36
N GLN A 220 11.53 -7.39 19.11
CA GLN A 220 12.30 -6.67 20.12
C GLN A 220 13.52 -6.01 19.52
N THR A 221 14.40 -6.81 18.92
CA THR A 221 15.69 -6.30 18.46
C THR A 221 15.54 -5.34 17.30
N VAL A 222 14.80 -5.75 16.27
CA VAL A 222 14.71 -4.93 15.06
C VAL A 222 13.71 -3.78 15.21
N LEU A 223 12.46 -4.10 15.47
CA LEU A 223 11.43 -3.09 15.52
C LEU A 223 11.60 -2.12 16.68
N LYS A 224 11.83 -2.65 17.88
CA LYS A 224 11.82 -1.81 19.07
C LYS A 224 13.17 -1.18 19.37
N ASP A 225 14.25 -1.95 19.13
CA ASP A 225 15.59 -1.49 19.51
C ASP A 225 16.31 -0.84 18.36
N GLN A 226 16.21 -1.42 17.17
CA GLN A 226 16.96 -0.89 16.04
C GLN A 226 16.22 0.22 15.34
N LEU A 227 14.90 0.04 15.22
CA LEU A 227 14.03 1.07 14.63
C LEU A 227 13.54 2.08 15.67
N GLY A 228 13.79 1.78 16.95
CA GLY A 228 13.43 2.69 18.05
C GLY A 228 11.94 2.93 18.18
N PHE A 229 11.12 1.93 17.85
CA PHE A 229 9.66 2.06 17.85
C PHE A 229 9.10 2.20 19.27
N PRO A 230 8.39 3.30 19.55
CA PRO A 230 7.97 3.46 20.94
C PRO A 230 6.54 2.99 21.21
N GLY A 231 5.78 2.68 20.16
CA GLY A 231 4.39 2.22 20.28
C GLY A 231 4.25 0.74 20.56
N TYR A 232 3.05 0.22 20.31
CA TYR A 232 2.71 -1.15 20.67
C TYR A 232 2.54 -2.08 19.49
N VAL A 233 2.92 -3.34 19.70
CA VAL A 233 2.74 -4.40 18.73
C VAL A 233 1.49 -5.18 19.05
N MET A 234 0.58 -5.22 18.09
CA MET A 234 -0.60 -6.08 18.18
C MET A 234 -0.48 -7.26 17.21
N THR A 235 -1.15 -8.36 17.53
CA THR A 235 -1.18 -9.52 16.65
C THR A 235 -2.10 -9.28 15.48
N ASP A 236 -1.85 -9.98 14.37
CA ASP A 236 -2.89 -10.14 13.38
C ASP A 236 -3.94 -11.04 14.05
N TRP A 237 -5.11 -11.17 13.44
CA TRP A 237 -6.26 -11.78 14.13
C TRP A 237 -6.09 -13.28 14.39
N ASN A 238 -5.82 -13.62 15.66
CA ASN A 238 -5.48 -14.98 16.10
C ASN A 238 -4.15 -15.47 15.53
N ALA A 239 -3.20 -14.55 15.44
CA ALA A 239 -1.87 -14.83 14.97
C ALA A 239 -0.96 -15.18 16.16
N GLN A 240 -1.51 -15.11 17.37
CA GLN A 240 -0.78 -15.46 18.60
C GLN A 240 -0.79 -16.97 18.83
N HIS A 241 0.35 -17.52 19.24
CA HIS A 241 0.46 -18.95 19.44
C HIS A 241 0.78 -19.37 20.87
N THR A 242 1.49 -18.53 21.62
CA THR A 242 1.74 -18.84 23.03
C THR A 242 1.30 -17.73 23.95
N THR A 243 1.16 -18.06 25.23
CA THR A 243 0.93 -17.07 26.28
C THR A 243 2.21 -16.35 26.65
N VAL A 244 3.26 -17.13 26.93
CA VAL A 244 4.44 -16.64 27.61
C VAL A 244 5.51 -16.11 26.67
N GLN A 245 5.88 -16.91 25.66
CA GLN A 245 6.93 -16.51 24.72
C GLN A 245 6.47 -15.30 23.90
N SER A 246 5.20 -15.29 23.50
CA SER A 246 4.66 -14.13 22.79
C SER A 246 4.96 -12.87 23.61
N ALA A 247 4.55 -12.88 24.88
CA ALA A 247 4.77 -11.75 25.80
C ALA A 247 6.27 -11.38 25.91
N ASN A 248 7.11 -12.38 26.17
CA ASN A 248 8.52 -12.14 26.40
C ASN A 248 9.30 -11.76 25.15
N SER A 249 8.75 -12.08 23.99
CA SER A 249 9.37 -11.68 22.73
C SER A 249 9.12 -10.23 22.37
N GLY A 250 8.19 -9.59 23.08
CA GLY A 250 7.86 -8.19 22.80
C GLY A 250 6.48 -7.93 22.24
N LEU A 251 5.60 -8.94 22.21
CA LEU A 251 4.19 -8.71 21.86
C LEU A 251 3.56 -7.81 22.93
N ASP A 252 2.64 -6.92 22.52
CA ASP A 252 2.05 -5.96 23.43
C ASP A 252 0.54 -6.06 23.54
N MET A 253 -0.11 -6.69 22.56
CA MET A 253 -1.56 -6.69 22.49
C MET A 253 -2.10 -7.92 21.77
N SER A 254 -2.91 -8.69 22.49
CA SER A 254 -3.57 -9.88 21.96
C SER A 254 -4.89 -9.58 21.24
N MET A 255 -4.90 -9.72 19.91
CA MET A 255 -6.08 -9.42 19.08
C MET A 255 -6.57 -10.63 18.27
N PRO A 256 -7.90 -10.85 18.25
CA PRO A 256 -8.94 -10.10 18.93
C PRO A 256 -9.22 -10.61 20.34
N GLY A 257 -8.50 -11.66 20.76
CA GLY A 257 -8.59 -12.15 22.13
C GLY A 257 -8.84 -13.64 22.15
N THR A 258 -9.59 -14.10 21.15
CA THR A 258 -9.81 -15.52 20.93
C THR A 258 -9.73 -15.76 19.43
N ASP A 259 -9.68 -17.02 19.03
CA ASP A 259 -9.87 -17.38 17.62
C ASP A 259 -11.34 -17.19 17.22
N PHE A 260 -11.66 -17.47 15.95
CA PHE A 260 -13.00 -17.27 15.41
C PHE A 260 -14.05 -18.03 16.21
N ASN A 261 -13.69 -19.23 16.66
CA ASN A 261 -14.60 -20.09 17.44
C ASN A 261 -14.74 -19.73 18.93
N GLY A 262 -13.98 -18.73 19.39
CA GLY A 262 -13.96 -18.37 20.81
C GLY A 262 -12.93 -19.14 21.63
N ASN A 263 -12.05 -19.87 20.96
CA ASN A 263 -10.98 -20.62 21.66
C ASN A 263 -9.63 -19.88 21.63
N ASN A 264 -8.60 -20.48 22.23
CA ASN A 264 -7.22 -19.99 22.14
C ASN A 264 -7.06 -18.61 22.78
N ARG A 265 -7.67 -18.43 23.95
CA ARG A 265 -7.52 -17.19 24.70
C ARG A 265 -6.22 -17.25 25.48
N LEU A 266 -5.14 -16.78 24.86
CA LEU A 266 -3.79 -16.94 25.40
C LEU A 266 -3.42 -15.89 26.41
N TRP A 267 -4.06 -14.73 26.31
CA TRP A 267 -3.90 -13.70 27.32
C TRP A 267 -5.17 -13.63 28.16
N GLY A 268 -5.57 -12.46 28.63
CA GLY A 268 -6.66 -12.37 29.61
C GLY A 268 -6.27 -13.13 30.88
N PRO A 269 -7.14 -14.04 31.37
CA PRO A 269 -6.83 -14.82 32.56
C PRO A 269 -5.54 -15.63 32.45
N ALA A 270 -5.24 -16.19 31.27
CA ALA A 270 -4.00 -16.96 31.11
C ALA A 270 -2.76 -16.06 31.26
N LEU A 271 -2.84 -14.80 30.83
CA LEU A 271 -1.73 -13.85 31.04
C LEU A 271 -1.60 -13.44 32.51
N THR A 272 -2.74 -13.28 33.17
CA THR A 272 -2.76 -13.06 34.62
C THR A 272 -2.04 -14.20 35.34
N ASN A 273 -2.39 -15.44 34.98
CA ASN A 273 -1.73 -16.62 35.54
C ASN A 273 -0.22 -16.68 35.27
N ALA A 274 0.20 -16.32 34.07
CA ALA A 274 1.63 -16.34 33.68
C ALA A 274 2.46 -15.32 34.46
N VAL A 275 1.87 -14.16 34.74
CA VAL A 275 2.55 -13.14 35.56
C VAL A 275 2.64 -13.61 37.02
N ASN A 276 1.53 -14.13 37.53
CA ASN A 276 1.46 -14.65 38.91
C ASN A 276 2.36 -15.87 39.13
N SER A 277 2.57 -16.67 38.09
CA SER A 277 3.42 -17.86 38.15
CA SER A 277 3.42 -17.85 38.18
C SER A 277 4.86 -17.54 37.77
N ASN A 278 5.17 -16.25 37.66
CA ASN A 278 6.51 -15.76 37.37
C ASN A 278 7.07 -16.16 35.98
N GLN A 279 6.17 -16.50 35.06
CA GLN A 279 6.55 -16.86 33.70
C GLN A 279 6.72 -15.65 32.79
N VAL A 280 6.01 -14.58 33.11
CA VAL A 280 6.16 -13.29 32.44
C VAL A 280 6.38 -12.25 33.51
N PRO A 281 7.54 -11.54 33.47
CA PRO A 281 7.78 -10.53 34.49
C PRO A 281 6.82 -9.35 34.40
N THR A 282 6.49 -8.75 35.55
CA THR A 282 5.59 -7.61 35.62
CA THR A 282 5.58 -7.62 35.62
C THR A 282 6.11 -6.46 34.76
N SER A 283 7.43 -6.30 34.74
CA SER A 283 8.06 -5.24 33.95
C SER A 283 7.70 -5.37 32.47
N ARG A 284 7.56 -6.60 31.99
CA ARG A 284 7.16 -6.83 30.58
C ARG A 284 5.75 -6.31 30.29
N VAL A 285 4.79 -6.67 31.16
CA VAL A 285 3.42 -6.17 31.06
C VAL A 285 3.36 -4.65 31.26
N ASP A 286 4.13 -4.14 32.23
CA ASP A 286 4.26 -2.70 32.42
C ASP A 286 4.72 -2.01 31.14
N ASP A 287 5.63 -2.65 30.41
CA ASP A 287 6.10 -2.14 29.11
C ASP A 287 5.00 -2.12 28.04
N MET A 288 4.20 -3.18 27.97
CA MET A 288 3.09 -3.28 27.00
C MET A 288 2.13 -2.12 27.19
N VAL A 289 1.77 -1.88 28.45
CA VAL A 289 0.81 -0.85 28.83
C VAL A 289 1.36 0.56 28.59
N THR A 290 2.62 0.79 28.93
CA THR A 290 3.25 2.08 28.61
C THR A 290 3.14 2.39 27.12
N ARG A 291 3.53 1.44 26.28
CA ARG A 291 3.47 1.56 24.84
C ARG A 291 2.05 1.89 24.34
N ILE A 292 1.06 1.12 24.81
CA ILE A 292 -0.33 1.29 24.44
C ILE A 292 -0.94 2.62 24.92
N LEU A 293 -0.72 2.95 26.19
CA LEU A 293 -1.17 4.26 26.69
C LEU A 293 -0.39 5.43 26.05
N ALA A 294 0.88 5.21 25.71
CA ALA A 294 1.67 6.29 25.08
C ALA A 294 1.08 6.64 23.71
N ALA A 295 0.65 5.63 22.96
CA ALA A 295 0.00 5.83 21.67
C ALA A 295 -1.31 6.61 21.79
N TRP A 296 -2.06 6.30 22.84
CA TRP A 296 -3.30 7.00 23.21
C TRP A 296 -3.03 8.47 23.51
N TYR A 297 -2.01 8.75 24.33
CA TYR A 297 -1.63 10.11 24.70
C TYR A 297 -1.03 10.88 23.53
N LEU A 298 -0.23 10.19 22.73
CA LEU A 298 0.37 10.75 21.52
C LEU A 298 -0.65 11.34 20.55
N THR A 299 -1.77 10.63 20.37
CA THR A 299 -2.78 11.05 19.41
C THR A 299 -3.85 11.94 20.03
N GLY A 300 -3.64 12.33 21.29
CA GLY A 300 -4.58 13.21 22.00
C GLY A 300 -5.93 12.57 22.36
N GLN A 301 -6.01 11.25 22.36
CA GLN A 301 -7.31 10.58 22.59
C GLN A 301 -7.76 10.56 24.05
N ASP A 302 -6.90 11.06 24.94
CA ASP A 302 -7.22 11.19 26.38
C ASP A 302 -8.07 12.43 26.68
N GLN A 303 -8.06 13.38 25.76
CA GLN A 303 -8.85 14.59 25.93
C GLN A 303 -10.33 14.28 25.81
N ALA A 304 -11.13 14.97 26.61
CA ALA A 304 -12.59 14.81 26.59
C ALA A 304 -13.13 15.14 25.19
N GLY A 305 -14.16 14.41 24.77
CA GLY A 305 -14.87 14.77 23.56
C GLY A 305 -14.54 13.97 22.31
N TYR A 306 -13.90 12.81 22.47
CA TYR A 306 -13.73 11.89 21.36
C TYR A 306 -15.08 11.28 21.05
N PRO A 307 -15.49 11.29 19.76
CA PRO A 307 -16.80 10.76 19.42
C PRO A 307 -17.00 9.30 19.85
N SER A 308 -18.23 8.98 20.21
CA SER A 308 -18.62 7.62 20.60
C SER A 308 -18.68 6.75 19.36
N PHE A 309 -18.47 5.45 19.54
CA PHE A 309 -18.48 4.51 18.43
C PHE A 309 -19.86 4.40 17.78
N ASN A 310 -19.91 4.65 16.47
CA ASN A 310 -21.14 4.54 15.71
C ASN A 310 -20.80 4.51 14.22
N ILE A 311 -20.95 3.34 13.63
CA ILE A 311 -20.66 3.16 12.20
C ILE A 311 -21.91 3.30 11.31
N SER A 312 -22.97 3.93 11.83
CA SER A 312 -24.11 4.33 11.01
C SER A 312 -24.07 5.81 10.65
N ARG A 313 -23.19 6.56 11.32
CA ARG A 313 -23.01 7.98 11.05
C ARG A 313 -22.52 8.17 9.64
N ASN A 314 -23.15 9.12 8.93
CA ASN A 314 -22.63 9.57 7.66
C ASN A 314 -21.45 10.47 7.93
N VAL A 315 -20.25 9.96 7.66
CA VAL A 315 -19.03 10.71 7.93
C VAL A 315 -18.29 11.16 6.64
N GLN A 316 -18.96 10.98 5.49
CA GLN A 316 -18.33 11.18 4.17
C GLN A 316 -17.91 12.59 3.85
N GLY A 317 -18.63 13.57 4.38
CA GLY A 317 -18.47 14.97 3.96
C GLY A 317 -18.27 15.05 2.46
N ASN A 318 -17.27 15.82 2.04
CA ASN A 318 -16.91 15.89 0.62
C ASN A 318 -15.63 15.11 0.30
N HIS A 319 -15.34 14.09 1.09
CA HIS A 319 -14.10 13.31 0.94
C HIS A 319 -13.96 12.60 -0.42
N LYS A 320 -15.07 12.46 -1.15
CA LYS A 320 -15.06 11.88 -2.50
C LYS A 320 -14.08 12.59 -3.44
N THR A 321 -13.75 13.85 -3.14
CA THR A 321 -12.79 14.58 -3.98
C THR A 321 -11.43 13.87 -4.04
N ASN A 322 -11.02 13.26 -2.94
CA ASN A 322 -9.78 12.50 -2.90
C ASN A 322 -9.86 11.22 -3.72
N VAL A 323 -10.99 10.52 -3.58
CA VAL A 323 -11.21 9.27 -4.27
C VAL A 323 -11.26 9.57 -5.78
N ARG A 324 -12.06 10.56 -6.17
CA ARG A 324 -12.08 11.02 -7.56
C ARG A 324 -10.69 11.35 -8.05
N ALA A 325 -9.95 12.17 -7.30
CA ALA A 325 -8.61 12.61 -7.72
C ALA A 325 -7.61 11.45 -7.92
N ILE A 326 -7.59 10.51 -6.98
CA ILE A 326 -6.63 9.40 -7.01
C ILE A 326 -7.02 8.33 -8.01
N ALA A 327 -8.30 7.99 -8.05
CA ALA A 327 -8.86 7.13 -9.10
C ALA A 327 -8.48 7.69 -10.48
N ARG A 328 -8.54 9.02 -10.59
CA ARG A 328 -8.23 9.71 -11.85
C ARG A 328 -6.74 9.77 -12.11
N ASP A 329 -5.98 10.32 -11.16
CA ASP A 329 -4.53 10.53 -11.40
C ASP A 329 -3.70 9.26 -11.28
N GLY A 330 -4.34 8.16 -10.86
CA GLY A 330 -3.69 6.87 -10.72
C GLY A 330 -3.83 5.97 -11.93
N ILE A 331 -4.70 6.37 -12.85
CA ILE A 331 -4.81 5.67 -14.14
C ILE A 331 -3.48 5.80 -14.84
N VAL A 332 -2.96 4.67 -15.35
CA VAL A 332 -1.74 4.65 -16.14
C VAL A 332 -2.13 4.37 -17.60
N LEU A 333 -1.76 5.27 -18.48
CA LEU A 333 -1.98 5.04 -19.90
C LEU A 333 -0.77 4.26 -20.41
N LEU A 334 -1.02 3.08 -20.96
CA LEU A 334 0.05 2.16 -21.37
C LEU A 334 0.34 2.22 -22.87
N LYS A 335 -0.72 2.34 -23.66
CA LYS A 335 -0.61 2.39 -25.12
C LYS A 335 -1.62 3.36 -25.64
N ASN A 336 -1.16 4.25 -26.53
CA ASN A 336 -2.05 5.21 -27.17
C ASN A 336 -1.57 5.45 -28.58
N ASP A 337 -1.81 4.44 -29.41
CA ASP A 337 -1.42 4.45 -30.81
C ASP A 337 -2.34 5.32 -31.65
N ALA A 338 -1.75 6.03 -32.59
CA ALA A 338 -2.46 6.94 -33.49
C ALA A 338 -3.17 8.04 -32.72
N ASN A 339 -2.77 8.22 -31.46
CA ASN A 339 -3.43 9.18 -30.57
C ASN A 339 -4.95 9.07 -30.68
N ILE A 340 -5.46 7.86 -30.47
CA ILE A 340 -6.91 7.63 -30.44
C ILE A 340 -7.51 8.26 -29.17
N LEU A 341 -6.70 8.30 -28.10
CA LEU A 341 -7.06 9.04 -26.89
C LEU A 341 -6.31 10.37 -26.83
N PRO A 342 -6.97 11.45 -26.36
CA PRO A 342 -8.35 11.48 -25.85
C PRO A 342 -9.38 11.45 -26.96
N LEU A 343 -10.55 10.90 -26.66
CA LEU A 343 -11.67 10.83 -27.57
C LEU A 343 -12.21 12.24 -27.81
N LYS A 344 -12.63 12.49 -29.05
CA LYS A 344 -13.31 13.74 -29.36
C LYS A 344 -14.46 13.58 -30.35
N LYS A 345 -15.68 13.69 -29.82
CA LYS A 345 -16.89 13.77 -30.65
C LYS A 345 -17.03 12.61 -31.68
N PRO A 346 -16.81 11.35 -31.24
CA PRO A 346 -17.09 10.25 -32.17
C PRO A 346 -18.60 10.13 -32.41
N ALA A 347 -19.01 9.67 -33.59
CA ALA A 347 -20.45 9.50 -33.87
C ALA A 347 -21.03 8.39 -33.01
N SER A 348 -20.26 7.33 -32.80
CA SER A 348 -20.71 6.18 -32.01
C SER A 348 -19.59 5.54 -31.18
N ILE A 349 -19.99 4.86 -30.12
CA ILE A 349 -19.11 4.17 -29.20
C ILE A 349 -19.78 2.85 -28.83
N ALA A 350 -19.05 1.74 -28.90
CA ALA A 350 -19.49 0.50 -28.24
C ALA A 350 -18.83 0.40 -26.87
N VAL A 351 -19.59 -0.07 -25.90
CA VAL A 351 -19.06 -0.35 -24.57
C VAL A 351 -19.38 -1.81 -24.32
N VAL A 352 -18.35 -2.57 -23.96
CA VAL A 352 -18.38 -4.02 -23.99
C VAL A 352 -17.69 -4.58 -22.73
N GLY A 353 -18.37 -5.50 -22.06
CA GLY A 353 -17.76 -6.22 -20.94
C GLY A 353 -18.58 -6.05 -19.68
N SER A 354 -18.67 -7.12 -18.88
CA SER A 354 -19.45 -7.08 -17.65
C SER A 354 -18.89 -6.05 -16.66
N ALA A 355 -17.59 -5.81 -16.74
CA ALA A 355 -16.92 -4.84 -15.85
C ALA A 355 -17.29 -3.36 -16.11
N ALA A 356 -18.13 -3.11 -17.13
CA ALA A 356 -18.56 -1.75 -17.44
C ALA A 356 -19.78 -1.34 -16.63
N ILE A 357 -20.55 -2.31 -16.14
CA ILE A 357 -21.82 -2.03 -15.46
C ILE A 357 -21.82 -2.36 -13.97
N ILE A 358 -22.75 -1.76 -13.24
CA ILE A 358 -23.00 -2.08 -11.84
C ILE A 358 -23.33 -3.57 -11.71
N GLY A 359 -22.59 -4.25 -10.83
CA GLY A 359 -22.87 -5.65 -10.50
C GLY A 359 -22.95 -5.87 -9.00
N ASN A 360 -22.74 -7.11 -8.58
CA ASN A 360 -22.82 -7.49 -7.17
C ASN A 360 -21.68 -6.94 -6.33
N HIS A 361 -20.55 -6.65 -6.99
CA HIS A 361 -19.42 -6.00 -6.33
C HIS A 361 -19.79 -4.58 -5.88
N ALA A 362 -20.18 -3.75 -6.85
CA ALA A 362 -20.57 -2.36 -6.57
C ALA A 362 -21.77 -2.25 -5.62
N ARG A 363 -22.65 -3.26 -5.64
CA ARG A 363 -23.89 -3.23 -4.86
C ARG A 363 -23.79 -3.58 -3.37
N ASN A 364 -22.63 -4.06 -2.92
CA ASN A 364 -22.53 -4.59 -1.54
C ASN A 364 -23.49 -5.77 -1.34
N SER A 365 -23.70 -6.52 -2.41
CA SER A 365 -24.60 -7.68 -2.42
C SER A 365 -24.25 -8.72 -1.35
N PRO A 366 -25.27 -9.43 -0.80
CA PRO A 366 -25.03 -10.58 0.09
C PRO A 366 -24.27 -11.72 -0.60
N SER A 367 -24.12 -11.67 -1.92
CA SER A 367 -23.29 -12.62 -2.64
C SER A 367 -21.82 -12.20 -2.63
N CYS A 368 -21.56 -10.99 -2.14
CA CYS A 368 -20.24 -10.42 -2.27
C CYS A 368 -19.69 -9.90 -0.94
N ASN A 369 -19.86 -10.66 0.15
CA ASN A 369 -19.32 -10.23 1.46
C ASN A 369 -17.81 -10.04 1.44
N ASP A 370 -17.33 -9.06 2.19
CA ASP A 370 -15.93 -8.65 2.15
C ASP A 370 -15.45 -8.40 0.71
N LYS A 371 -16.37 -7.98 -0.16
CA LYS A 371 -16.07 -7.77 -1.59
C LYS A 371 -15.48 -9.02 -2.29
N GLY A 372 -15.85 -10.19 -1.78
CA GLY A 372 -15.43 -11.49 -2.35
C GLY A 372 -16.16 -11.87 -3.62
N CYS A 373 -16.10 -10.99 -4.61
CA CYS A 373 -16.59 -11.26 -5.96
C CYS A 373 -16.01 -10.25 -6.93
N ASP A 374 -15.79 -10.70 -8.17
CA ASP A 374 -15.51 -9.82 -9.27
C ASP A 374 -16.72 -9.85 -10.21
N ASP A 375 -17.75 -9.10 -9.84
CA ASP A 375 -19.00 -9.14 -10.59
C ASP A 375 -19.48 -7.75 -10.90
N GLY A 376 -19.51 -7.42 -12.18
CA GLY A 376 -19.75 -6.05 -12.62
C GLY A 376 -18.46 -5.26 -12.46
N ALA A 377 -18.58 -3.95 -12.42
CA ALA A 377 -17.42 -3.06 -12.25
C ALA A 377 -16.64 -3.38 -10.97
N LEU A 378 -15.32 -3.25 -11.05
CA LEU A 378 -14.41 -3.60 -9.96
C LEU A 378 -13.74 -2.37 -9.34
N GLY A 379 -13.82 -2.26 -8.02
CA GLY A 379 -13.24 -1.15 -7.29
C GLY A 379 -12.08 -1.48 -6.37
N MET A 380 -11.96 -2.74 -5.98
CA MET A 380 -10.95 -3.19 -5.00
C MET A 380 -10.93 -4.70 -4.86
N GLY A 381 -9.90 -5.23 -4.18
CA GLY A 381 -9.78 -6.67 -3.94
C GLY A 381 -10.68 -7.09 -2.80
N TRP A 382 -10.55 -8.34 -2.36
CA TRP A 382 -11.43 -8.86 -1.29
C TRP A 382 -10.72 -9.09 0.06
N GLY A 383 -11.50 -9.14 1.14
CA GLY A 383 -10.98 -9.51 2.44
C GLY A 383 -11.26 -8.46 3.49
N SER A 384 -10.43 -8.44 4.54
CA SER A 384 -10.57 -7.50 5.64
C SER A 384 -10.31 -6.06 5.21
N GLY A 385 -9.63 -5.90 4.07
CA GLY A 385 -9.29 -4.58 3.56
C GLY A 385 -10.32 -3.96 2.63
N ALA A 386 -11.45 -4.64 2.46
CA ALA A 386 -12.53 -4.10 1.63
C ALA A 386 -13.57 -3.42 2.54
N VAL A 387 -14.37 -2.52 1.96
CA VAL A 387 -15.45 -1.83 2.70
C VAL A 387 -16.72 -1.74 1.83
N ASN A 388 -17.80 -1.22 2.41
CA ASN A 388 -19.03 -1.00 1.64
C ASN A 388 -18.91 0.27 0.81
N TYR A 389 -19.46 0.24 -0.40
CA TYR A 389 -19.57 1.45 -1.23
C TYR A 389 -20.80 2.24 -0.81
N PRO A 390 -20.63 3.56 -0.59
CA PRO A 390 -21.82 4.38 -0.33
C PRO A 390 -22.58 4.63 -1.62
N TYR A 391 -21.84 4.63 -2.73
CA TYR A 391 -22.38 4.68 -4.08
C TYR A 391 -21.27 4.08 -4.94
N PHE A 392 -21.53 3.91 -6.23
CA PHE A 392 -20.51 3.48 -7.15
C PHE A 392 -20.85 3.97 -8.56
N VAL A 393 -19.94 4.72 -9.16
CA VAL A 393 -20.12 5.22 -10.51
C VAL A 393 -19.53 4.24 -11.55
N ALA A 394 -20.39 3.48 -12.22
CA ALA A 394 -19.97 2.54 -13.26
C ALA A 394 -19.40 3.25 -14.48
N PRO A 395 -18.38 2.63 -15.12
CA PRO A 395 -17.87 3.21 -16.35
C PRO A 395 -18.96 3.44 -17.40
N TYR A 396 -19.88 2.49 -17.58
CA TYR A 396 -20.89 2.66 -18.63
C TYR A 396 -21.73 3.91 -18.41
N ASP A 397 -22.29 4.06 -17.22
CA ASP A 397 -23.17 5.19 -16.90
C ASP A 397 -22.46 6.53 -17.12
N ALA A 398 -21.22 6.63 -16.67
CA ALA A 398 -20.44 7.86 -16.83
C ALA A 398 -20.15 8.14 -18.29
N ILE A 399 -19.73 7.10 -19.01
CA ILE A 399 -19.42 7.22 -20.43
C ILE A 399 -20.68 7.56 -21.22
N ASN A 400 -21.77 6.85 -20.93
CA ASN A 400 -23.04 7.12 -21.57
C ASN A 400 -23.48 8.57 -21.41
N THR A 401 -23.41 9.10 -20.19
CA THR A 401 -23.78 10.50 -19.92
C THR A 401 -22.90 11.50 -20.67
N ARG A 402 -21.59 11.29 -20.64
CA ARG A 402 -20.67 12.22 -21.32
C ARG A 402 -20.82 12.14 -22.84
N ALA A 403 -21.05 10.92 -23.34
CA ALA A 403 -21.14 10.71 -24.78
C ALA A 403 -22.46 11.23 -25.32
N SER A 404 -23.56 10.88 -24.65
CA SER A 404 -24.88 11.38 -25.02
C SER A 404 -24.93 12.90 -25.06
N SER A 405 -24.20 13.55 -24.15
CA SER A 405 -24.12 15.01 -24.09
C SER A 405 -23.51 15.67 -25.34
N GLN A 406 -22.83 14.89 -26.18
CA GLN A 406 -22.28 15.43 -27.43
C GLN A 406 -22.85 14.74 -28.68
N GLY A 407 -24.04 14.16 -28.53
CA GLY A 407 -24.73 13.48 -29.64
C GLY A 407 -24.13 12.15 -30.07
N THR A 408 -23.16 11.64 -29.30
CA THR A 408 -22.56 10.35 -29.54
C THR A 408 -23.51 9.23 -29.14
N GLN A 409 -23.78 8.33 -30.06
CA GLN A 409 -24.63 7.16 -29.82
C GLN A 409 -23.80 6.07 -29.12
N VAL A 410 -24.28 5.55 -27.99
CA VAL A 410 -23.58 4.51 -27.24
C VAL A 410 -24.31 3.19 -27.34
N THR A 411 -23.58 2.13 -27.68
CA THR A 411 -24.12 0.79 -27.72
C THR A 411 -23.43 -0.07 -26.66
N LEU A 412 -24.24 -0.81 -25.89
CA LEU A 412 -23.73 -1.53 -24.74
C LEU A 412 -23.90 -3.03 -24.87
N SER A 413 -22.82 -3.76 -24.61
CA SER A 413 -22.88 -5.19 -24.41
C SER A 413 -22.37 -5.48 -22.99
N ASN A 414 -23.31 -5.70 -22.09
CA ASN A 414 -23.03 -5.67 -20.64
C ASN A 414 -22.63 -7.03 -20.04
N THR A 415 -22.25 -7.97 -20.91
CA THR A 415 -21.79 -9.29 -20.48
C THR A 415 -20.41 -9.51 -21.08
N ASP A 416 -19.81 -10.66 -20.79
CA ASP A 416 -18.52 -11.00 -21.35
C ASP A 416 -18.65 -11.96 -22.52
N ASN A 417 -19.87 -12.06 -23.05
CA ASN A 417 -20.13 -12.90 -24.24
C ASN A 417 -19.41 -12.32 -25.44
N THR A 418 -18.49 -13.11 -26.01
CA THR A 418 -17.62 -12.67 -27.11
C THR A 418 -18.40 -12.28 -28.36
N SER A 419 -19.48 -13.01 -28.61
CA SER A 419 -20.32 -12.77 -29.77
C SER A 419 -21.19 -11.52 -29.62
N SER A 420 -21.80 -11.33 -28.46
CA SER A 420 -22.51 -10.09 -28.15
C SER A 420 -21.58 -8.87 -28.23
N GLY A 421 -20.32 -9.06 -27.82
CA GLY A 421 -19.35 -7.99 -27.84
C GLY A 421 -19.01 -7.51 -29.24
N ALA A 422 -18.72 -8.46 -30.13
CA ALA A 422 -18.38 -8.15 -31.51
C ALA A 422 -19.56 -7.44 -32.20
N SER A 423 -20.77 -7.92 -31.92
CA SER A 423 -22.00 -7.34 -32.45
C SER A 423 -22.21 -5.88 -32.06
N ALA A 424 -21.92 -5.58 -30.79
CA ALA A 424 -22.03 -4.21 -30.31
C ALA A 424 -20.92 -3.32 -30.91
N ALA A 425 -19.74 -3.90 -31.13
CA ALA A 425 -18.59 -3.16 -31.65
C ALA A 425 -18.63 -2.91 -33.17
N ARG A 426 -19.33 -3.77 -33.90
CA ARG A 426 -19.36 -3.71 -35.37
C ARG A 426 -19.92 -2.37 -35.85
N GLY A 427 -19.19 -1.70 -36.74
CA GLY A 427 -19.63 -0.44 -37.36
C GLY A 427 -19.46 0.82 -36.54
N LYS A 428 -19.07 0.68 -35.26
CA LYS A 428 -18.91 1.86 -34.40
C LYS A 428 -17.55 2.54 -34.58
N ASP A 429 -17.47 3.83 -34.26
CA ASP A 429 -16.22 4.59 -34.42
C ASP A 429 -15.13 4.08 -33.51
N VAL A 430 -15.48 3.83 -32.24
CA VAL A 430 -14.58 3.15 -31.32
C VAL A 430 -15.30 2.12 -30.45
N ALA A 431 -14.56 1.13 -29.98
CA ALA A 431 -15.08 0.16 -29.03
C ALA A 431 -14.19 0.17 -27.80
N ILE A 432 -14.81 0.35 -26.63
CA ILE A 432 -14.10 0.33 -25.36
C ILE A 432 -14.47 -0.98 -24.67
N VAL A 433 -13.48 -1.85 -24.48
CA VAL A 433 -13.67 -3.14 -23.82
C VAL A 433 -13.11 -3.13 -22.40
N PHE A 434 -13.90 -3.66 -21.47
CA PHE A 434 -13.58 -3.66 -20.05
C PHE A 434 -13.23 -5.03 -19.51
N ILE A 435 -11.98 -5.18 -19.07
CA ILE A 435 -11.52 -6.44 -18.51
C ILE A 435 -11.05 -6.25 -17.06
N THR A 436 -11.00 -7.34 -16.30
CA THR A 436 -10.55 -7.28 -14.91
C THR A 436 -9.66 -8.45 -14.51
N ALA A 437 -8.97 -8.27 -13.38
CA ALA A 437 -8.41 -9.36 -12.59
C ALA A 437 -8.59 -8.96 -11.12
N ASP A 438 -8.83 -9.96 -10.27
CA ASP A 438 -9.16 -9.71 -8.88
C ASP A 438 -8.34 -10.63 -7.99
N SER A 439 -8.32 -10.34 -6.69
CA SER A 439 -7.64 -11.19 -5.71
C SER A 439 -7.94 -10.68 -4.31
N GLY A 440 -7.46 -11.39 -3.30
CA GLY A 440 -7.68 -10.89 -1.94
C GLY A 440 -7.14 -11.76 -0.84
N GLU A 441 -7.64 -11.50 0.35
CA GLU A 441 -7.18 -12.20 1.54
C GLU A 441 -7.56 -13.67 1.51
N GLY A 442 -6.62 -14.51 1.91
CA GLY A 442 -6.72 -15.95 1.70
C GLY A 442 -7.67 -16.75 2.58
N TYR A 443 -8.84 -16.19 2.89
CA TYR A 443 -9.93 -16.98 3.51
C TYR A 443 -11.17 -17.03 2.61
N ILE A 444 -11.08 -16.41 1.44
CA ILE A 444 -12.16 -16.49 0.46
C ILE A 444 -11.62 -16.98 -0.88
N THR A 445 -12.25 -18.01 -1.43
CA THR A 445 -11.91 -18.50 -2.75
C THR A 445 -12.95 -17.96 -3.73
N VAL A 446 -12.51 -17.14 -4.67
CA VAL A 446 -13.42 -16.47 -5.60
C VAL A 446 -13.09 -16.95 -7.01
N GLU A 447 -14.06 -17.62 -7.65
CA GLU A 447 -13.91 -18.19 -9.00
C GLU A 447 -12.66 -19.03 -9.10
N GLY A 448 -12.47 -19.92 -8.12
CA GLY A 448 -11.31 -20.79 -8.08
C GLY A 448 -10.00 -20.17 -7.62
N ASN A 449 -9.99 -18.86 -7.36
CA ASN A 449 -8.79 -18.20 -6.84
C ASN A 449 -8.82 -18.09 -5.31
N ALA A 450 -7.92 -18.82 -4.64
CA ALA A 450 -7.94 -18.99 -3.18
C ALA A 450 -7.52 -17.75 -2.37
N GLY A 451 -7.10 -16.69 -3.08
CA GLY A 451 -6.65 -15.47 -2.43
C GLY A 451 -5.59 -14.82 -3.31
N ASP A 452 -4.42 -15.45 -3.35
CA ASP A 452 -3.49 -15.20 -4.44
C ASP A 452 -4.17 -15.59 -5.75
N ARG A 453 -3.73 -15.01 -6.86
CA ARG A 453 -4.23 -15.38 -8.18
C ARG A 453 -3.55 -16.65 -8.70
N ASN A 454 -4.36 -17.49 -9.34
CA ASN A 454 -3.90 -18.65 -10.09
C ASN A 454 -2.99 -18.31 -11.25
N ASN A 455 -3.23 -17.18 -11.90
CA ASN A 455 -2.41 -16.77 -13.04
C ASN A 455 -2.52 -15.30 -13.33
N LEU A 456 -1.84 -14.86 -14.40
CA LEU A 456 -1.79 -13.45 -14.74
C LEU A 456 -2.64 -13.11 -15.97
N ASP A 457 -3.69 -13.90 -16.19
CA ASP A 457 -4.60 -13.65 -17.31
C ASP A 457 -5.84 -12.87 -16.87
N PRO A 458 -6.44 -12.11 -17.80
CA PRO A 458 -7.68 -11.46 -17.42
C PRO A 458 -8.71 -12.52 -16.99
N TRP A 459 -9.51 -12.15 -16.00
CA TRP A 459 -10.61 -12.95 -15.55
C TRP A 459 -11.71 -12.91 -16.60
N HIS A 460 -12.67 -13.82 -16.46
CA HIS A 460 -13.91 -13.77 -17.23
C HIS A 460 -13.74 -13.85 -18.73
N ASN A 461 -12.78 -14.68 -19.16
CA ASN A 461 -12.51 -14.87 -20.59
CA ASN A 461 -12.49 -14.87 -20.59
C ASN A 461 -12.12 -13.52 -21.24
N GLY A 462 -11.50 -12.65 -20.44
CA GLY A 462 -11.06 -11.31 -20.89
C GLY A 462 -10.28 -11.21 -22.18
N ASN A 463 -9.30 -12.09 -22.36
CA ASN A 463 -8.50 -12.09 -23.57
C ASN A 463 -9.37 -12.36 -24.81
N ALA A 464 -10.26 -13.35 -24.71
CA ALA A 464 -11.15 -13.72 -25.81
C ALA A 464 -12.12 -12.59 -26.13
N LEU A 465 -12.64 -11.92 -25.08
CA LEU A 465 -13.52 -10.80 -25.31
C LEU A 465 -12.86 -9.74 -26.20
N VAL A 466 -11.61 -9.38 -25.88
CA VAL A 466 -10.89 -8.38 -26.64
C VAL A 466 -10.64 -8.85 -28.09
N GLN A 467 -10.24 -10.12 -28.26
CA GLN A 467 -10.02 -10.70 -29.60
C GLN A 467 -11.28 -10.65 -30.46
N ALA A 468 -12.43 -10.92 -29.85
CA ALA A 468 -13.70 -10.92 -30.58
C ALA A 468 -14.08 -9.50 -30.99
N VAL A 469 -13.84 -8.54 -30.10
CA VAL A 469 -14.13 -7.14 -30.38
C VAL A 469 -13.19 -6.64 -31.48
N ALA A 470 -11.94 -7.12 -31.45
CA ALA A 470 -10.95 -6.70 -32.45
C ALA A 470 -11.29 -7.30 -33.82
N GLY A 471 -11.97 -8.45 -33.83
CA GLY A 471 -12.41 -9.07 -35.09
C GLY A 471 -13.53 -8.30 -35.75
N ALA A 472 -14.20 -7.45 -34.97
CA ALA A 472 -15.31 -6.66 -35.48
C ALA A 472 -15.03 -5.16 -35.58
N ASN A 473 -13.91 -4.70 -35.06
CA ASN A 473 -13.66 -3.25 -34.99
C ASN A 473 -12.19 -2.88 -35.05
N SER A 474 -11.85 -1.94 -35.93
CA SER A 474 -10.47 -1.49 -36.12
C SER A 474 -9.90 -0.61 -35.01
N ASN A 475 -10.76 -0.10 -34.13
CA ASN A 475 -10.35 0.94 -33.18
C ASN A 475 -10.77 0.61 -31.76
N VAL A 476 -9.99 -0.26 -31.12
CA VAL A 476 -10.36 -0.79 -29.81
C VAL A 476 -9.52 -0.19 -28.70
N ILE A 477 -10.22 0.34 -27.69
CA ILE A 477 -9.61 0.81 -26.46
C ILE A 477 -9.91 -0.22 -25.38
N VAL A 478 -8.86 -0.77 -24.79
CA VAL A 478 -8.98 -1.76 -23.71
C VAL A 478 -8.78 -1.05 -22.37
N VAL A 479 -9.77 -1.17 -21.51
CA VAL A 479 -9.71 -0.58 -20.18
C VAL A 479 -9.61 -1.73 -19.21
N VAL A 480 -8.62 -1.67 -18.33
CA VAL A 480 -8.36 -2.74 -17.37
C VAL A 480 -8.47 -2.22 -15.95
N HIS A 481 -9.31 -2.88 -15.16
CA HIS A 481 -9.30 -2.69 -13.70
C HIS A 481 -8.75 -3.95 -13.05
N SER A 482 -7.67 -3.81 -12.30
CA SER A 482 -6.95 -4.98 -11.79
C SER A 482 -6.18 -4.77 -10.49
N VAL A 483 -6.21 -5.81 -9.65
CA VAL A 483 -5.44 -5.92 -8.42
C VAL A 483 -3.93 -6.01 -8.60
N GLY A 484 -3.48 -6.24 -9.83
CA GLY A 484 -2.05 -6.31 -10.14
C GLY A 484 -1.77 -6.60 -11.60
N ALA A 485 -0.50 -6.83 -11.92
CA ALA A 485 -0.08 -7.13 -13.28
C ALA A 485 -0.87 -8.25 -13.97
N ILE A 486 -1.17 -8.03 -15.25
CA ILE A 486 -1.73 -9.02 -16.14
C ILE A 486 -0.81 -9.06 -17.33
N ILE A 487 -0.53 -10.25 -17.88
CA ILE A 487 0.23 -10.31 -19.13
C ILE A 487 -0.69 -9.86 -20.29
N LEU A 488 -0.25 -8.84 -21.02
CA LEU A 488 -1.13 -8.19 -22.00
C LEU A 488 -0.72 -8.49 -23.44
N GLU A 489 0.19 -9.45 -23.60
CA GLU A 489 0.76 -9.82 -24.91
C GLU A 489 -0.22 -10.28 -25.97
N GLN A 490 -1.27 -10.97 -25.55
CA GLN A 490 -2.33 -11.43 -26.44
C GLN A 490 -3.20 -10.29 -26.94
N ILE A 491 -3.54 -9.40 -26.01
CA ILE A 491 -4.29 -8.19 -26.33
C ILE A 491 -3.46 -7.27 -27.24
N LEU A 492 -2.17 -7.16 -26.94
CA LEU A 492 -1.30 -6.26 -27.69
C LEU A 492 -0.95 -6.80 -29.08
N ALA A 493 -1.12 -8.11 -29.26
CA ALA A 493 -0.87 -8.77 -30.55
C ALA A 493 -1.97 -8.45 -31.56
N LEU A 494 -3.01 -7.75 -31.13
CA LEU A 494 -4.10 -7.37 -32.01
C LEU A 494 -3.84 -5.97 -32.53
N PRO A 495 -3.62 -5.84 -33.86
CA PRO A 495 -3.37 -4.50 -34.42
C PRO A 495 -4.54 -3.54 -34.20
N GLN A 496 -5.73 -4.09 -33.96
CA GLN A 496 -6.95 -3.30 -33.71
C GLN A 496 -6.97 -2.62 -32.33
N VAL A 497 -6.19 -3.16 -31.39
CA VAL A 497 -6.07 -2.53 -30.07
C VAL A 497 -5.13 -1.33 -30.15
N LYS A 498 -5.72 -0.14 -30.18
CA LYS A 498 -4.97 1.08 -30.38
C LYS A 498 -4.60 1.74 -29.06
N ALA A 499 -5.39 1.48 -28.02
CA ALA A 499 -5.15 2.08 -26.70
C ALA A 499 -5.38 1.09 -25.58
N VAL A 500 -4.49 1.15 -24.60
CA VAL A 500 -4.64 0.37 -23.39
C VAL A 500 -4.60 1.30 -22.15
N VAL A 501 -5.65 1.20 -21.34
CA VAL A 501 -5.84 2.04 -20.16
C VAL A 501 -5.80 1.17 -18.91
N TRP A 502 -4.71 1.28 -18.17
CA TRP A 502 -4.52 0.59 -16.90
C TRP A 502 -5.14 1.45 -15.80
N ALA A 503 -6.42 1.20 -15.53
CA ALA A 503 -7.22 2.09 -14.68
C ALA A 503 -7.07 1.75 -13.20
N GLY A 504 -6.43 0.62 -12.92
CA GLY A 504 -6.16 0.19 -11.55
C GLY A 504 -7.40 -0.11 -10.74
N LEU A 505 -7.43 0.42 -9.52
CA LEU A 505 -8.51 0.16 -8.58
C LEU A 505 -9.15 1.46 -8.04
N PRO A 506 -10.23 1.92 -8.69
CA PRO A 506 -10.77 3.27 -8.49
C PRO A 506 -11.76 3.49 -7.35
N SER A 507 -12.17 2.39 -6.70
CA SER A 507 -13.31 2.40 -5.79
C SER A 507 -14.57 3.04 -6.40
N GLN A 508 -15.29 3.82 -5.58
CA GLN A 508 -16.59 4.38 -5.92
C GLN A 508 -16.64 5.37 -7.11
N GLU A 509 -15.51 6.01 -7.39
CA GLU A 509 -15.43 7.02 -8.45
C GLU A 509 -14.94 6.47 -9.81
N SER A 510 -14.87 5.14 -9.93
CA SER A 510 -14.54 4.46 -11.19
C SER A 510 -14.87 5.24 -12.47
N GLY A 511 -16.17 5.43 -12.73
CA GLY A 511 -16.63 5.98 -14.01
C GLY A 511 -16.23 7.42 -14.28
N ASN A 512 -16.35 8.26 -13.27
CA ASN A 512 -16.04 9.68 -13.38
C ASN A 512 -14.57 9.90 -13.70
N ALA A 513 -13.71 9.22 -12.93
CA ALA A 513 -12.27 9.29 -13.13
C ALA A 513 -11.85 8.81 -14.53
N LEU A 514 -12.49 7.74 -15.02
CA LEU A 514 -12.13 7.22 -16.35
C LEU A 514 -12.56 8.20 -17.46
N VAL A 515 -13.74 8.78 -17.32
CA VAL A 515 -14.25 9.77 -18.27
C VAL A 515 -13.34 11.00 -18.29
N ASP A 516 -12.89 11.43 -17.10
CA ASP A 516 -11.92 12.54 -17.00
C ASP A 516 -10.75 12.33 -17.93
N VAL A 517 -10.22 11.11 -17.94
CA VAL A 517 -9.05 10.79 -18.74
C VAL A 517 -9.38 10.52 -20.21
N LEU A 518 -10.39 9.68 -20.45
CA LEU A 518 -10.77 9.25 -21.80
C LEU A 518 -11.09 10.43 -22.69
N TRP A 519 -11.82 11.41 -22.13
CA TRP A 519 -12.18 12.60 -22.89
C TRP A 519 -11.15 13.72 -22.79
N GLY A 520 -10.09 13.50 -22.02
CA GLY A 520 -8.99 14.47 -21.93
C GLY A 520 -9.25 15.73 -21.15
N ASP A 521 -10.23 15.69 -20.24
CA ASP A 521 -10.42 16.76 -19.28
C ASP A 521 -9.14 16.92 -18.46
N VAL A 522 -8.51 15.79 -18.14
CA VAL A 522 -7.14 15.83 -17.62
C VAL A 522 -6.36 14.79 -18.41
N SER A 523 -5.08 15.07 -18.64
CA SER A 523 -4.18 14.08 -19.18
C SER A 523 -3.95 13.01 -18.10
N PRO A 524 -3.81 11.73 -18.50
CA PRO A 524 -3.42 10.69 -17.53
C PRO A 524 -1.98 10.97 -17.10
N SER A 525 -1.66 10.64 -15.86
CA SER A 525 -0.35 11.01 -15.32
C SER A 525 0.16 10.02 -14.29
N GLY A 526 -0.60 8.94 -14.10
CA GLY A 526 -0.17 7.86 -13.23
C GLY A 526 0.90 7.02 -13.91
N LYS A 527 1.74 6.39 -13.12
CA LYS A 527 2.80 5.51 -13.64
C LYS A 527 2.81 4.23 -12.83
N LEU A 528 3.29 3.15 -13.43
CA LEU A 528 3.20 1.82 -12.82
C LEU A 528 4.02 1.72 -11.55
N VAL A 529 3.50 0.98 -10.57
CA VAL A 529 4.24 0.71 -9.33
C VAL A 529 4.64 -0.77 -9.22
N TYR A 530 4.48 -1.48 -10.34
CA TYR A 530 5.00 -2.85 -10.51
C TYR A 530 5.27 -3.08 -11.99
N THR A 531 6.01 -4.14 -12.30
CA THR A 531 6.40 -4.46 -13.66
C THR A 531 5.35 -5.35 -14.34
N ILE A 532 4.96 -4.98 -15.56
CA ILE A 532 4.15 -5.85 -16.40
C ILE A 532 5.11 -6.48 -17.41
N ALA A 533 5.36 -7.78 -17.23
CA ALA A 533 6.32 -8.51 -18.07
C ALA A 533 5.68 -8.98 -19.37
N LYS A 534 6.52 -9.46 -20.30
CA LYS A 534 6.04 -10.08 -21.52
C LYS A 534 5.64 -11.53 -21.29
N SER A 535 6.14 -12.11 -20.19
CA SER A 535 5.89 -13.51 -19.89
C SER A 535 5.78 -13.74 -18.39
N PRO A 536 4.87 -14.61 -17.96
CA PRO A 536 4.79 -14.93 -16.54
C PRO A 536 6.10 -15.53 -16.04
N ASN A 537 6.84 -16.18 -16.94
CA ASN A 537 8.13 -16.79 -16.61
C ASN A 537 9.26 -15.79 -16.33
N ASP A 538 9.05 -14.52 -16.68
CA ASP A 538 10.06 -13.47 -16.48
C ASP A 538 10.12 -12.98 -15.02
N TYR A 539 9.07 -13.25 -14.24
CA TYR A 539 9.13 -12.95 -12.81
C TYR A 539 9.96 -14.03 -12.12
N ASN A 540 10.70 -13.64 -11.09
CA ASN A 540 11.58 -14.57 -10.40
C ASN A 540 11.01 -15.17 -9.11
N THR A 541 9.79 -14.79 -8.73
CA THR A 541 9.18 -15.37 -7.53
C THR A 541 7.80 -15.97 -7.86
N ARG A 542 7.33 -16.88 -7.00
CA ARG A 542 6.03 -17.56 -7.20
C ARG A 542 5.30 -17.75 -5.88
N ILE A 543 4.00 -18.00 -5.95
CA ILE A 543 3.25 -18.48 -4.78
C ILE A 543 3.80 -19.86 -4.39
N VAL A 544 4.47 -19.92 -3.25
CA VAL A 544 5.14 -21.14 -2.80
C VAL A 544 4.12 -22.09 -2.17
N SER A 545 4.16 -23.37 -2.55
CA SER A 545 3.19 -24.36 -2.04
C SER A 545 3.66 -25.17 -0.83
N GLY A 546 4.94 -25.05 -0.48
CA GLY A 546 5.51 -25.78 0.64
C GLY A 546 5.57 -24.99 1.94
N GLY A 547 6.23 -25.55 2.95
CA GLY A 547 6.32 -24.93 4.27
C GLY A 547 7.34 -23.82 4.37
N SER A 548 8.10 -23.59 3.30
CA SER A 548 9.23 -22.64 3.32
C SER A 548 9.38 -21.81 2.05
N ASP A 549 9.52 -20.49 2.21
CA ASP A 549 10.01 -19.64 1.13
C ASP A 549 11.37 -19.14 1.54
N SER A 550 12.40 -19.59 0.84
CA SER A 550 13.77 -19.26 1.19
C SER A 550 14.13 -17.83 0.78
N PHE A 551 13.21 -17.15 0.09
CA PHE A 551 13.46 -15.80 -0.43
C PHE A 551 14.84 -15.71 -1.07
N SER A 552 15.19 -16.71 -1.88
CA SER A 552 16.52 -16.80 -2.44
C SER A 552 16.85 -15.66 -3.43
N GLU A 553 15.82 -14.96 -3.91
CA GLU A 553 16.05 -13.82 -4.81
C GLU A 553 16.70 -12.64 -4.07
N GLY A 554 16.53 -12.62 -2.75
CA GLY A 554 17.10 -11.56 -1.91
C GLY A 554 16.57 -10.20 -2.31
N LEU A 555 17.50 -9.27 -2.52
CA LEU A 555 17.17 -7.89 -2.86
C LEU A 555 16.52 -7.70 -4.23
N PHE A 556 16.67 -8.69 -5.10
CA PHE A 556 16.25 -8.59 -6.50
C PHE A 556 14.80 -9.02 -6.74
N ILE A 557 13.86 -8.13 -6.40
CA ILE A 557 12.44 -8.35 -6.72
C ILE A 557 11.96 -7.38 -7.80
N ASP A 558 10.83 -7.72 -8.44
CA ASP A 558 10.22 -6.91 -9.52
C ASP A 558 11.30 -6.30 -10.44
N TYR A 559 11.29 -4.98 -10.63
CA TYR A 559 12.20 -4.36 -11.60
C TYR A 559 13.69 -4.56 -11.35
N LYS A 560 14.04 -4.86 -10.10
CA LYS A 560 15.44 -5.08 -9.73
C LYS A 560 15.93 -6.41 -10.35
N HIS A 561 15.04 -7.39 -10.39
CA HIS A 561 15.30 -8.64 -11.11
C HIS A 561 15.34 -8.42 -12.62
N PHE A 562 14.41 -7.62 -13.13
CA PHE A 562 14.37 -7.33 -14.56
C PHE A 562 15.63 -6.64 -15.04
N ASP A 563 16.11 -5.66 -14.28
CA ASP A 563 17.36 -4.96 -14.63
C ASP A 563 18.56 -5.89 -14.51
N ASP A 564 18.64 -6.60 -13.39
CA ASP A 564 19.74 -7.52 -13.11
C ASP A 564 19.83 -8.64 -14.13
N ALA A 565 18.71 -9.27 -14.46
CA ALA A 565 18.69 -10.37 -15.40
C ALA A 565 18.55 -9.90 -16.86
N ASN A 566 18.67 -8.60 -17.09
CA ASN A 566 18.58 -8.03 -18.45
C ASN A 566 17.32 -8.47 -19.20
N ILE A 567 16.19 -8.49 -18.50
CA ILE A 567 14.95 -8.87 -19.15
C ILE A 567 14.15 -7.62 -19.51
N THR A 568 13.72 -7.54 -20.76
CA THR A 568 12.88 -6.43 -21.20
C THR A 568 11.42 -6.68 -20.84
N PRO A 569 10.90 -5.89 -19.89
CA PRO A 569 9.48 -6.02 -19.59
C PRO A 569 8.66 -5.39 -20.71
N ARG A 570 7.40 -5.75 -20.79
CA ARG A 570 6.48 -5.02 -21.67
C ARG A 570 6.37 -3.57 -21.19
N TYR A 571 5.95 -3.40 -19.94
CA TYR A 571 5.87 -2.08 -19.31
C TYR A 571 6.59 -2.09 -17.99
N GLU A 572 7.66 -1.28 -17.89
CA GLU A 572 8.55 -1.27 -16.75
C GLU A 572 7.98 -0.53 -15.54
N PHE A 573 8.53 -0.80 -14.37
CA PHE A 573 8.22 -0.05 -13.16
C PHE A 573 8.46 1.43 -13.46
N GLY A 574 7.51 2.28 -13.04
CA GLY A 574 7.63 3.71 -13.22
C GLY A 574 7.22 4.22 -14.60
N TYR A 575 6.54 3.37 -15.37
CA TYR A 575 6.11 3.69 -16.73
C TYR A 575 4.69 4.23 -16.80
N GLY A 576 4.50 5.24 -17.65
CA GLY A 576 3.20 5.83 -17.87
C GLY A 576 3.24 6.80 -19.04
N LEU A 577 2.26 6.69 -19.92
CA LEU A 577 2.10 7.62 -21.02
C LEU A 577 1.29 8.84 -20.58
N SER A 578 1.33 9.86 -21.42
CA SER A 578 0.69 11.14 -21.19
C SER A 578 0.11 11.60 -22.53
N TYR A 579 -0.77 12.60 -22.51
CA TYR A 579 -1.22 13.22 -23.76
C TYR A 579 -0.25 14.30 -24.24
N THR A 580 0.82 14.53 -23.48
CA THR A 580 1.85 15.47 -23.88
C THR A 580 3.26 14.89 -23.70
N LYS A 581 4.27 15.72 -23.98
CA LYS A 581 5.66 15.31 -23.80
C LYS A 581 6.39 16.25 -22.84
N PHE A 582 7.43 15.73 -22.20
CA PHE A 582 8.17 16.48 -21.19
C PHE A 582 9.67 16.39 -21.46
N ASN A 583 10.35 17.54 -21.47
CA ASN A 583 11.80 17.58 -21.65
C ASN A 583 12.55 17.86 -20.34
N TYR A 584 13.57 17.04 -20.05
CA TYR A 584 14.35 17.17 -18.84
C TYR A 584 15.68 17.87 -19.13
N SER A 585 16.08 18.82 -18.29
CA SER A 585 17.40 19.45 -18.46
C SER A 585 18.02 19.84 -17.13
N ARG A 586 19.30 20.18 -17.15
CA ARG A 586 19.94 20.86 -16.03
C ARG A 586 19.95 20.04 -14.74
N LEU A 587 20.56 18.87 -14.78
CA LEU A 587 20.69 18.01 -13.60
C LEU A 587 21.83 18.50 -12.70
N SER A 588 21.50 18.77 -11.43
CA SER A 588 22.51 19.13 -10.45
C SER A 588 22.42 18.20 -9.25
N VAL A 589 23.56 18.04 -8.57
CA VAL A 589 23.68 17.14 -7.41
C VAL A 589 24.46 17.91 -6.36
N LEU A 590 23.80 18.26 -5.27
CA LEU A 590 24.41 18.95 -4.15
C LEU A 590 24.50 17.96 -3.00
N SER A 591 25.69 17.81 -2.41
CA SER A 591 25.91 16.75 -1.43
C SER A 591 26.93 17.13 -0.36
N THR A 592 26.59 16.78 0.88
CA THR A 592 27.51 16.94 2.02
C THR A 592 27.73 15.58 2.69
N ALA A 593 27.28 14.53 2.02
CA ALA A 593 27.18 13.20 2.61
C ALA A 593 28.56 12.60 2.88
N LYS A 594 28.74 12.08 4.10
CA LYS A 594 29.96 11.41 4.53
C LYS A 594 29.76 9.90 4.63
N SER A 595 30.83 9.13 4.43
CA SER A 595 30.77 7.68 4.45
C SER A 595 30.75 7.09 5.86
N GLY A 596 30.39 5.80 5.93
CA GLY A 596 30.51 5.03 7.17
C GLY A 596 29.18 4.60 7.75
N PRO A 597 29.21 3.99 8.95
CA PRO A 597 27.94 3.65 9.60
C PRO A 597 27.23 4.92 10.07
N ALA A 598 25.92 4.85 10.21
CA ALA A 598 25.14 5.91 10.84
C ALA A 598 25.64 6.03 12.28
N THR A 599 25.64 7.25 12.83
CA THR A 599 26.22 7.46 14.16
C THR A 599 25.29 8.10 15.17
N GLY A 600 24.07 8.47 14.73
CA GLY A 600 23.11 9.11 15.62
C GLY A 600 22.58 8.14 16.66
N ALA A 601 22.13 8.66 17.80
CA ALA A 601 21.49 7.84 18.80
C ALA A 601 20.18 7.32 18.21
N VAL A 602 19.80 6.11 18.60
CA VAL A 602 18.57 5.52 18.04
C VAL A 602 17.36 6.32 18.50
N VAL A 603 16.57 6.77 17.53
CA VAL A 603 15.28 7.40 17.80
C VAL A 603 14.24 6.69 16.89
N PRO A 604 12.95 7.07 16.96
CA PRO A 604 11.97 6.41 16.08
C PRO A 604 12.41 6.48 14.60
N GLY A 605 12.64 5.33 13.99
CA GLY A 605 13.21 5.27 12.64
C GLY A 605 14.58 4.62 12.58
N GLY A 606 15.34 4.76 13.67
CA GLY A 606 16.72 4.29 13.72
C GLY A 606 17.65 5.39 14.19
N PRO A 607 18.98 5.17 14.09
CA PRO A 607 19.92 6.26 14.35
C PRO A 607 19.44 7.56 13.74
N SER A 608 19.45 8.60 14.57
CA SER A 608 18.81 9.88 14.26
C SER A 608 19.27 10.55 12.97
N ASP A 609 20.41 10.11 12.42
CA ASP A 609 20.91 10.69 11.16
C ASP A 609 20.35 10.03 9.90
N LEU A 610 19.77 8.84 10.05
CA LEU A 610 19.29 8.07 8.89
C LEU A 610 18.22 8.75 8.03
N PHE A 611 17.30 9.47 8.68
CA PHE A 611 16.26 10.21 7.93
C PHE A 611 16.59 11.69 7.67
N GLN A 612 17.77 12.14 8.09
CA GLN A 612 18.17 13.52 7.83
C GLN A 612 18.74 13.64 6.42
N ASN A 613 18.49 14.78 5.79
CA ASN A 613 18.96 15.04 4.45
C ASN A 613 20.47 15.27 4.38
N VAL A 614 21.11 14.59 3.43
CA VAL A 614 22.54 14.73 3.20
C VAL A 614 22.85 15.27 1.80
N ALA A 615 21.85 15.23 0.91
CA ALA A 615 22.04 15.67 -0.46
C ALA A 615 20.72 16.07 -1.13
N THR A 616 20.85 16.80 -2.23
CA THR A 616 19.72 17.25 -3.01
C THR A 616 20.01 17.10 -4.51
N VAL A 617 19.11 16.43 -5.21
CA VAL A 617 19.19 16.28 -6.66
C VAL A 617 18.04 17.07 -7.28
N THR A 618 18.36 17.85 -8.31
CA THR A 618 17.45 18.81 -8.93
C THR A 618 17.50 18.72 -10.47
N VAL A 619 16.33 18.77 -11.12
CA VAL A 619 16.22 18.84 -12.58
CA VAL A 619 16.22 18.81 -12.59
C VAL A 619 15.11 19.80 -12.98
N ASP A 620 15.19 20.34 -14.20
CA ASP A 620 14.11 21.14 -14.76
C ASP A 620 13.29 20.27 -15.69
N ILE A 621 11.98 20.48 -15.69
CA ILE A 621 11.10 19.74 -16.59
C ILE A 621 10.18 20.74 -17.29
N ALA A 622 10.18 20.69 -18.61
CA ALA A 622 9.30 21.54 -19.42
C ALA A 622 8.27 20.68 -20.15
N ASN A 623 7.06 21.20 -20.29
CA ASN A 623 6.06 20.55 -21.13
C ASN A 623 6.28 21.00 -22.57
N SER A 624 6.89 20.12 -23.38
CA SER A 624 7.22 20.47 -24.76
C SER A 624 6.15 20.12 -25.81
N GLY A 625 5.09 19.42 -25.39
CA GLY A 625 4.03 19.03 -26.31
C GLY A 625 2.87 20.01 -26.38
N GLN A 626 1.69 19.52 -26.77
CA GLN A 626 0.58 20.41 -27.14
C GLN A 626 -0.48 20.62 -26.07
N VAL A 627 -0.50 19.79 -25.02
CA VAL A 627 -1.53 19.90 -23.98
C VAL A 627 -0.96 19.89 -22.56
N THR A 628 -1.70 20.48 -21.63
CA THR A 628 -1.39 20.45 -20.21
C THR A 628 -1.33 18.99 -19.75
N GLY A 629 -0.37 18.69 -18.89
CA GLY A 629 -0.25 17.36 -18.29
C GLY A 629 0.75 17.39 -17.15
N ALA A 630 0.60 16.46 -16.20
CA ALA A 630 1.58 16.32 -15.12
C ALA A 630 2.56 15.19 -15.42
N GLU A 631 3.81 15.42 -15.03
CA GLU A 631 4.86 14.43 -15.23
C GLU A 631 5.35 13.93 -13.89
N VAL A 632 5.72 12.65 -13.84
CA VAL A 632 6.29 12.06 -12.65
C VAL A 632 7.76 11.84 -12.95
N ALA A 633 8.60 12.69 -12.36
CA ALA A 633 10.03 12.56 -12.53
C ALA A 633 10.53 11.63 -11.46
N GLN A 634 11.40 10.69 -11.84
CA GLN A 634 11.93 9.71 -10.91
C GLN A 634 13.44 9.73 -10.84
N LEU A 635 13.96 9.59 -9.61
CA LEU A 635 15.40 9.43 -9.37
C LEU A 635 15.75 7.98 -9.02
N TYR A 636 16.66 7.41 -9.79
CA TYR A 636 17.25 6.11 -9.47
C TYR A 636 18.73 6.25 -9.13
N ILE A 637 19.14 5.59 -8.05
CA ILE A 637 20.53 5.64 -7.64
C ILE A 637 21.21 4.29 -7.86
N THR A 638 22.43 4.33 -8.38
CA THR A 638 23.30 3.15 -8.49
C THR A 638 24.41 3.33 -7.46
N TYR A 639 24.51 2.38 -6.54
CA TYR A 639 25.55 2.44 -5.50
C TYR A 639 26.93 2.17 -6.12
N PRO A 640 28.02 2.61 -5.46
CA PRO A 640 29.37 2.24 -5.93
C PRO A 640 29.48 0.74 -6.16
N SER A 641 30.23 0.34 -7.18
CA SER A 641 30.36 -1.08 -7.48
C SER A 641 31.19 -1.79 -6.43
N SER A 642 31.92 -1.02 -5.63
CA SER A 642 32.72 -1.57 -4.55
C SER A 642 31.86 -2.01 -3.36
N ALA A 643 30.64 -1.48 -3.30
CA ALA A 643 29.69 -1.74 -2.22
C ALA A 643 29.10 -3.14 -2.37
N PRO A 644 28.70 -3.78 -1.26
CA PRO A 644 28.11 -5.10 -1.32
C PRO A 644 27.02 -5.19 -2.38
N ARG A 645 26.96 -6.33 -3.08
CA ARG A 645 26.04 -6.51 -4.20
C ARG A 645 24.68 -5.83 -3.94
N THR A 646 24.35 -4.88 -4.81
CA THR A 646 23.10 -4.11 -4.72
CA THR A 646 23.09 -4.16 -4.72
C THR A 646 22.40 -4.15 -6.10
N PRO A 647 21.06 -4.00 -6.14
CA PRO A 647 20.47 -3.93 -7.48
C PRO A 647 21.05 -2.78 -8.32
N PRO A 648 21.07 -2.91 -9.67
CA PRO A 648 21.73 -1.84 -10.47
C PRO A 648 21.08 -0.46 -10.28
N LYS A 649 19.75 -0.44 -10.08
CA LYS A 649 19.00 0.81 -9.91
C LYS A 649 18.04 0.69 -8.74
N GLN A 650 17.99 1.72 -7.90
CA GLN A 650 17.03 1.78 -6.80
C GLN A 650 16.34 3.14 -6.78
N LEU A 651 15.01 3.14 -6.75
CA LEU A 651 14.25 4.39 -6.68
C LEU A 651 14.60 5.10 -5.38
N ARG A 652 15.12 6.32 -5.49
CA ARG A 652 15.44 7.13 -4.29
C ARG A 652 14.82 8.53 -4.32
N GLY A 653 13.77 8.71 -5.12
CA GLY A 653 13.14 10.02 -5.26
C GLY A 653 12.16 10.07 -6.41
N PHE A 654 11.14 10.90 -6.24
CA PHE A 654 10.13 11.17 -7.27
C PHE A 654 9.49 12.52 -7.00
N ALA A 655 9.12 13.21 -8.07
CA ALA A 655 8.43 14.49 -7.97
C ALA A 655 7.38 14.50 -9.05
N LYS A 656 6.26 15.19 -8.78
CA LYS A 656 5.16 15.28 -9.73
C LYS A 656 4.86 16.75 -9.98
N LEU A 657 4.85 17.13 -11.26
CA LEU A 657 4.69 18.51 -11.70
C LEU A 657 3.60 18.60 -12.76
N ASN A 658 2.55 19.39 -12.49
CA ASN A 658 1.60 19.77 -13.54
C ASN A 658 2.17 20.90 -14.38
N LEU A 659 2.23 20.72 -15.70
CA LEU A 659 2.76 21.73 -16.61
C LEU A 659 1.80 21.95 -17.79
N THR A 660 1.43 23.20 -18.02
CA THR A 660 0.72 23.58 -19.23
C THR A 660 1.74 23.64 -20.39
N PRO A 661 1.27 23.69 -21.66
CA PRO A 661 2.25 23.72 -22.74
C PRO A 661 3.21 24.90 -22.57
N GLY A 662 4.50 24.65 -22.70
CA GLY A 662 5.50 25.70 -22.51
C GLY A 662 5.87 26.03 -21.06
N GLN A 663 5.15 25.46 -20.09
CA GLN A 663 5.48 25.69 -18.69
C GLN A 663 6.70 24.88 -18.26
N SER A 664 7.49 25.46 -17.37
CA SER A 664 8.69 24.82 -16.85
C SER A 664 8.62 24.74 -15.33
N GLY A 665 9.16 23.67 -14.74
CA GLY A 665 9.15 23.50 -13.29
C GLY A 665 10.34 22.74 -12.73
N THR A 666 10.54 22.84 -11.43
CA THR A 666 11.67 22.21 -10.78
C THR A 666 11.27 20.92 -10.07
N ALA A 667 12.00 19.84 -10.34
CA ALA A 667 11.88 18.62 -9.56
C ALA A 667 13.06 18.52 -8.59
N THR A 668 12.73 18.44 -7.30
CA THR A 668 13.70 18.38 -6.22
C THR A 668 13.59 17.04 -5.50
N PHE A 669 14.71 16.31 -5.47
CA PHE A 669 14.78 15.06 -4.73
C PHE A 669 15.73 15.28 -3.58
N ASN A 670 15.17 15.27 -2.38
CA ASN A 670 15.93 15.28 -1.15
C ASN A 670 16.38 13.89 -0.78
N ILE A 671 17.67 13.76 -0.50
CA ILE A 671 18.27 12.47 -0.20
C ILE A 671 18.68 12.39 1.25
N ARG A 672 18.07 11.42 1.93
CA ARG A 672 18.34 11.12 3.33
C ARG A 672 19.57 10.21 3.39
N ARG A 673 20.27 10.24 4.52
CA ARG A 673 21.43 9.37 4.68
C ARG A 673 21.11 7.93 4.27
N ARG A 674 19.96 7.43 4.74
CA ARG A 674 19.56 6.05 4.43
C ARG A 674 19.41 5.77 2.93
N ASP A 675 19.11 6.81 2.15
CA ASP A 675 18.91 6.67 0.71
C ASP A 675 20.22 6.36 -0.01
N LEU A 676 21.35 6.58 0.69
CA LEU A 676 22.68 6.23 0.20
C LEU A 676 23.30 5.07 1.00
N SER A 677 22.48 4.38 1.78
CA SER A 677 22.97 3.32 2.67
C SER A 677 22.54 1.91 2.30
N TYR A 678 23.37 0.93 2.67
CA TYR A 678 22.94 -0.48 2.64
C TYR A 678 23.04 -1.01 4.08
N TRP A 679 22.32 -2.09 4.37
CA TRP A 679 22.37 -2.70 5.69
C TRP A 679 23.56 -3.66 5.80
N ASP A 680 24.43 -3.42 6.79
CA ASP A 680 25.54 -4.31 7.06
C ASP A 680 25.17 -5.34 8.15
N THR A 681 25.03 -6.60 7.74
CA THR A 681 24.56 -7.66 8.65
CA THR A 681 24.59 -7.70 8.62
C THR A 681 25.48 -7.89 9.85
N ALA A 682 26.79 -7.95 9.63
CA ALA A 682 27.74 -8.24 10.70
C ALA A 682 27.74 -7.20 11.81
N SER A 683 27.59 -5.92 11.45
CA SER A 683 27.59 -4.86 12.45
C SER A 683 26.18 -4.40 12.84
N GLN A 684 25.18 -4.89 12.12
CA GLN A 684 23.76 -4.53 12.35
C GLN A 684 23.55 -3.02 12.28
N LYS A 685 24.13 -2.43 11.24
CA LYS A 685 24.08 -0.98 11.04
C LYS A 685 23.90 -0.65 9.57
N TRP A 686 23.27 0.49 9.32
CA TRP A 686 23.20 1.09 7.99
C TRP A 686 24.50 1.82 7.71
N VAL A 687 25.05 1.57 6.53
CA VAL A 687 26.34 2.12 6.17
C VAL A 687 26.26 2.84 4.83
N VAL A 688 26.92 3.99 4.73
CA VAL A 688 27.11 4.66 3.44
C VAL A 688 28.48 4.30 2.93
N PRO A 689 28.54 3.58 1.79
CA PRO A 689 29.83 3.22 1.22
C PRO A 689 30.48 4.44 0.54
N SER A 690 31.80 4.50 0.57
CA SER A 690 32.51 5.54 -0.16
CA SER A 690 32.55 5.51 -0.16
C SER A 690 32.50 5.20 -1.65
N GLY A 691 32.77 6.19 -2.49
CA GLY A 691 32.78 5.97 -3.93
C GLY A 691 31.80 6.84 -4.68
N SER A 692 31.71 6.61 -5.98
CA SER A 692 30.84 7.38 -6.88
C SER A 692 29.52 6.65 -7.09
N PHE A 693 28.43 7.31 -6.67
CA PHE A 693 27.08 6.82 -6.87
C PHE A 693 26.55 7.29 -8.21
N GLY A 694 25.88 6.40 -8.93
CA GLY A 694 25.28 6.78 -10.20
C GLY A 694 23.94 7.45 -9.97
N ILE A 695 23.75 8.61 -10.58
CA ILE A 695 22.51 9.35 -10.45
C ILE A 695 21.75 9.33 -11.80
N SER A 696 20.58 8.68 -11.80
CA SER A 696 19.77 8.60 -13.00
C SER A 696 18.38 9.21 -12.80
N VAL A 697 18.05 10.22 -13.60
CA VAL A 697 16.73 10.84 -13.52
C VAL A 697 15.99 10.66 -14.85
N GLY A 698 14.72 10.32 -14.76
CA GLY A 698 13.93 10.13 -15.98
C GLY A 698 12.46 9.90 -15.76
N ALA A 699 11.82 9.42 -16.81
CA ALA A 699 10.37 9.28 -16.85
C ALA A 699 9.89 7.90 -16.41
N SER A 700 10.83 6.98 -16.19
CA SER A 700 10.55 5.62 -15.72
C SER A 700 11.86 4.98 -15.26
N SER A 701 11.80 3.75 -14.75
CA SER A 701 13.02 2.99 -14.41
C SER A 701 13.85 2.64 -15.65
N ARG A 702 13.26 2.77 -16.84
CA ARG A 702 14.00 2.50 -18.09
C ARG A 702 14.23 3.76 -18.91
N ASP A 703 13.34 4.75 -18.77
CA ASP A 703 13.35 5.95 -19.60
C ASP A 703 14.18 7.05 -18.91
N ILE A 704 15.48 6.85 -18.88
CA ILE A 704 16.40 7.71 -18.14
C ILE A 704 16.82 8.85 -19.05
N ARG A 705 16.58 10.08 -18.62
CA ARG A 705 16.79 11.22 -19.50
C ARG A 705 18.14 11.90 -19.27
N LEU A 706 18.63 11.85 -18.04
CA LEU A 706 19.87 12.54 -17.68
C LEU A 706 20.59 11.75 -16.60
N THR A 707 21.91 11.86 -16.56
CA THR A 707 22.68 11.15 -15.55
C THR A 707 23.76 12.02 -14.99
N SER A 708 24.09 11.74 -13.73
CA SER A 708 25.18 12.41 -13.07
C SER A 708 25.79 11.45 -12.04
N THR A 709 26.65 11.99 -11.18
CA THR A 709 27.24 11.19 -10.12
C THR A 709 27.08 11.89 -8.76
N LEU A 710 27.05 11.08 -7.70
CA LEU A 710 27.16 11.61 -6.35
C LEU A 710 28.34 10.93 -5.66
N SER A 711 29.37 11.71 -5.33
CA SER A 711 30.61 11.15 -4.83
C SER A 711 30.75 11.30 -3.31
N VAL A 712 31.12 10.21 -2.65
CA VAL A 712 31.29 10.16 -1.20
C VAL A 712 32.75 9.77 -0.94
N ALA A 713 33.49 10.58 -0.18
CA ALA A 713 34.92 10.33 0.03
C ALA A 713 35.16 9.11 0.91
#